data_8XQ8
#
_entry.id   8XQ8
#
_cell.length_a   1.00
_cell.length_b   1.00
_cell.length_c   1.00
_cell.angle_alpha   90.00
_cell.angle_beta   90.00
_cell.angle_gamma   90.00
#
_symmetry.space_group_name_H-M   'P 1'
#
loop_
_entity.id
_entity.type
_entity.pdbx_description
1 polymer 'Sperm-specific sodium proton exchanger'
2 non-polymer "ADENOSINE-3',5'-CYCLIC-MONOPHOSPHATE"
#
_entity_poly.entity_id   1
_entity_poly.type   'polypeptide(L)'
_entity_poly.pdbx_seq_one_letter_code
;GSSSGGSGHTPTTQATHADDHDLTTHNGTEEHDDGHDDGHDDLHAHAPKVIVFISGSCLFGAISRSLFKKLPIPYTVVLL
ILGAILGVVASNVPLVEEHTRDVAHMDPHVLLQIFLPVLIFESAFAMDVHTFMRSFSQVCILALFGLVVASVLTAVLAMN
LFNYNWNFSEAMMFGAIMSATDPVAVVALLKDLGASKQLGTIIEGESLLNDGCAIVIFNVFMKMVFFPQLTSTVGQNVLY
FLQVAVAGPLWGYAVAKVTVFFLSHIFNDALVEITITLAATYLTYYIGDIWLEVSGVLAVVVLGLIVNAEKTSISPEVEV
FLHRFWEMLAYLANTLIFMMVGVVVTQKALVAVDKMDWFYLIILYLAITIIRGMVISLFSPILSRIGYGLTWRNAVIMTW
GGLRGAVGLALALVVENLAGNDVIGSKFLFHTAGIVVLTLVINATTIQTLLRILGMSDISIPKRLAMAGAVRRIHEGQNR
TLNMLKSDRFLADADWDIATAACEISDPYSALSDDENAPADELTLGERKSVCPGCKAMVPNEPSPREFADMMEEARLRML
KAEKISYWKQFEHGMLAREALRLLVQHAEVAADEKDQFILVDDLKKSWQIKGIYPWLKRKLEDLISEKKIAAIPMPKYKL
GKLMYKICHHMAFEVTINIAIVLNIVPIIMEFVVQDKMASVSTMAAPGSTVSSEPSSLQKIEDALRISNYVFFVIYAIEA
IVKILGLGRHYIVSHWNKFDAFILVVALVDIIIAETLLKGSITINLSSIKVVKLFRLLRGLRMLRLTKALIPKLILVVNG
KINNQLSLGYDVGKGYIIGEEEVGKIIDRMVDNKKILRELKHISETGRLQVVKELGLLQREHPGIAVSVKTRQAIRTILN
HSRETIHELQGAGLLDEMEAHKLELTVEIKMKRLMNAPSSIPPPPPENLLKNVSWLAGDMKLIDFIKARASLLHFDYGEV
IVREGDESDGLFLIVSGLVKLYGKSAFLDHDNPPVTAGSEENEVFEDYLTVGNVIGEMGVLTKKPRNATVTCETTVQVYF
ITAEDMNIAIDTFTLYPSLEYRLWRVVAIRIATPLIMEQMAFQGWTQEKVKLHLERGYLVDLAESHFQFNIDATLEDVIL
INGTAYNAHTREEIRSPCLISRTVHKLTFQYTATEEPRLFVVRNAEY
;
_entity_poly.pdbx_strand_id   A
#
loop_
_chem_comp.id
_chem_comp.type
_chem_comp.name
_chem_comp.formula
CMP non-polymer ADENOSINE-3',5'-CYCLIC-MONOPHOSPHATE 'C10 H12 N5 O6 P'
#
# COMPACT_ATOMS: atom_id res chain seq x y z
N HIS A 46 -38.44 1.13 -33.19
CA HIS A 46 -38.88 2.50 -32.99
C HIS A 46 -38.07 3.16 -31.88
N ALA A 47 -38.45 2.90 -30.64
CA ALA A 47 -37.80 3.50 -29.48
C ALA A 47 -37.36 2.39 -28.53
N PRO A 48 -36.29 2.59 -27.77
CA PRO A 48 -35.84 1.55 -26.84
C PRO A 48 -36.73 1.39 -25.62
N LYS A 49 -37.23 0.18 -25.41
CA LYS A 49 -37.95 -0.12 -24.17
C LYS A 49 -36.96 -0.45 -23.06
N VAL A 50 -35.72 -0.73 -23.44
CA VAL A 50 -34.71 -1.20 -22.51
C VAL A 50 -34.32 -0.09 -21.54
N ILE A 51 -34.26 1.16 -22.02
CA ILE A 51 -33.92 2.28 -21.15
C ILE A 51 -35.04 2.53 -20.14
N VAL A 52 -36.29 2.29 -20.55
CA VAL A 52 -37.43 2.39 -19.65
C VAL A 52 -37.36 1.33 -18.56
N PHE A 53 -36.98 0.10 -18.92
CA PHE A 53 -36.85 -0.95 -17.91
C PHE A 53 -35.68 -0.68 -16.97
N ILE A 54 -34.55 -0.18 -17.51
CA ILE A 54 -33.38 0.09 -16.68
C ILE A 54 -33.64 1.23 -15.71
N SER A 55 -34.33 2.28 -16.18
CA SER A 55 -34.69 3.38 -15.30
C SER A 55 -35.72 2.96 -14.26
N GLY A 56 -36.66 2.08 -14.65
CA GLY A 56 -37.60 1.55 -13.67
C GLY A 56 -36.94 0.69 -12.62
N SER A 57 -35.94 -0.10 -13.03
CA SER A 57 -35.16 -0.87 -12.05
C SER A 57 -34.33 0.04 -11.16
N CYS A 58 -33.81 1.14 -11.71
CA CYS A 58 -33.11 2.14 -10.91
C CYS A 58 -34.01 2.73 -9.84
N LEU A 59 -35.22 3.13 -10.24
CA LEU A 59 -36.16 3.73 -9.29
C LEU A 59 -36.64 2.71 -8.27
N PHE A 60 -36.88 1.47 -8.70
CA PHE A 60 -37.32 0.43 -7.78
C PHE A 60 -36.22 0.07 -6.79
N GLY A 61 -34.97 0.07 -7.23
CA GLY A 61 -33.85 -0.12 -6.32
C GLY A 61 -33.69 1.03 -5.35
N ALA A 62 -33.98 2.25 -5.81
CA ALA A 62 -33.92 3.42 -4.93
C ALA A 62 -34.98 3.34 -3.84
N ILE A 63 -36.22 2.99 -4.21
CA ILE A 63 -37.30 2.85 -3.23
C ILE A 63 -37.03 1.67 -2.31
N SER A 64 -36.48 0.58 -2.86
CA SER A 64 -36.09 -0.59 -2.07
C SER A 64 -35.02 -0.25 -1.04
N ARG A 65 -34.02 0.54 -1.43
CA ARG A 65 -32.95 0.88 -0.50
C ARG A 65 -33.40 1.89 0.54
N SER A 66 -34.27 2.83 0.14
CA SER A 66 -34.70 3.86 1.07
C SER A 66 -35.71 3.33 2.08
N LEU A 67 -36.68 2.53 1.63
CA LEU A 67 -37.76 2.08 2.51
C LEU A 67 -37.33 0.98 3.46
N PHE A 68 -36.31 0.21 3.12
CA PHE A 68 -35.87 -0.93 3.92
C PHE A 68 -34.57 -0.67 4.65
N LYS A 69 -34.35 0.56 5.13
CA LYS A 69 -33.12 0.86 5.86
C LYS A 69 -33.13 0.21 7.24
N LYS A 70 -34.25 0.28 7.94
CA LYS A 70 -34.34 -0.20 9.32
C LYS A 70 -34.60 -1.70 9.40
N LEU A 71 -35.26 -2.28 8.39
CA LEU A 71 -35.56 -3.71 8.40
C LEU A 71 -34.29 -4.52 8.17
N PRO A 72 -34.16 -5.67 8.81
CA PRO A 72 -32.99 -6.54 8.56
C PRO A 72 -33.08 -7.28 7.24
N ILE A 73 -34.23 -7.31 6.59
CA ILE A 73 -34.37 -7.97 5.29
C ILE A 73 -33.62 -7.15 4.24
N PRO A 74 -32.76 -7.76 3.43
CA PRO A 74 -32.02 -6.98 2.42
C PRO A 74 -32.93 -6.51 1.30
N TYR A 75 -32.47 -5.47 0.60
CA TYR A 75 -33.24 -4.86 -0.47
C TYR A 75 -33.35 -5.75 -1.71
N THR A 76 -32.48 -6.76 -1.81
CA THR A 76 -32.49 -7.63 -2.99
C THR A 76 -33.69 -8.57 -2.98
N VAL A 77 -34.17 -8.98 -1.80
CA VAL A 77 -35.32 -9.88 -1.73
C VAL A 77 -36.59 -9.16 -2.15
N VAL A 78 -36.78 -7.92 -1.69
CA VAL A 78 -37.94 -7.15 -2.11
C VAL A 78 -37.77 -6.66 -3.55
N LEU A 79 -36.54 -6.56 -4.05
CA LEU A 79 -36.34 -6.39 -5.49
C LEU A 79 -36.82 -7.61 -6.27
N LEU A 80 -36.56 -8.81 -5.75
CA LEU A 80 -37.09 -10.03 -6.38
C LEU A 80 -38.61 -10.07 -6.33
N ILE A 81 -39.20 -9.64 -5.21
CA ILE A 81 -40.65 -9.60 -5.08
C ILE A 81 -41.26 -8.61 -6.07
N LEU A 82 -40.64 -7.43 -6.21
CA LEU A 82 -41.10 -6.44 -7.18
C LEU A 82 -40.92 -6.93 -8.62
N GLY A 83 -39.85 -7.67 -8.89
CA GLY A 83 -39.68 -8.24 -10.21
C GLY A 83 -40.71 -9.31 -10.52
N ALA A 84 -41.09 -10.10 -9.51
CA ALA A 84 -42.14 -11.10 -9.72
C ALA A 84 -43.50 -10.44 -9.95
N ILE A 85 -43.78 -9.36 -9.23
CA ILE A 85 -45.01 -8.61 -9.43
C ILE A 85 -45.02 -7.98 -10.83
N LEU A 86 -43.90 -7.40 -11.25
CA LEU A 86 -43.79 -6.83 -12.60
C LEU A 86 -43.93 -7.90 -13.67
N GLY A 87 -43.40 -9.10 -13.42
CA GLY A 87 -43.55 -10.18 -14.37
C GLY A 87 -44.97 -10.69 -14.49
N VAL A 88 -45.71 -10.73 -13.37
CA VAL A 88 -47.08 -11.24 -13.49
C VAL A 88 -48.00 -10.19 -14.13
N VAL A 89 -47.76 -8.88 -13.91
CA VAL A 89 -48.59 -7.91 -14.63
C VAL A 89 -48.17 -7.87 -16.10
N ALA A 90 -46.91 -8.19 -16.38
CA ALA A 90 -46.46 -8.36 -17.76
C ALA A 90 -47.13 -9.55 -18.42
N SER A 91 -47.30 -10.65 -17.69
CA SER A 91 -48.09 -11.77 -18.19
C SER A 91 -49.55 -11.41 -18.40
N ASN A 92 -50.06 -10.41 -17.67
CA ASN A 92 -51.43 -9.94 -17.90
C ASN A 92 -51.48 -8.84 -18.97
N VAL A 93 -50.79 -7.73 -18.75
CA VAL A 93 -50.86 -6.55 -19.62
C VAL A 93 -49.82 -6.66 -20.74
N PRO A 94 -50.23 -6.48 -22.01
CA PRO A 94 -49.27 -6.70 -23.11
C PRO A 94 -48.19 -5.63 -23.27
N LEU A 95 -48.38 -4.41 -22.75
CA LEU A 95 -47.34 -3.39 -22.88
C LEU A 95 -46.14 -3.72 -21.98
N VAL A 96 -46.41 -4.10 -20.73
CA VAL A 96 -45.36 -4.58 -19.84
C VAL A 96 -44.78 -5.89 -20.36
N GLU A 97 -45.59 -6.69 -21.07
CA GLU A 97 -45.07 -7.86 -21.77
C GLU A 97 -44.06 -7.46 -22.83
N GLU A 98 -44.31 -6.37 -23.55
CA GLU A 98 -43.36 -5.90 -24.56
C GLU A 98 -42.06 -5.44 -23.92
N HIS A 99 -42.14 -4.69 -22.82
CA HIS A 99 -40.93 -4.22 -22.15
C HIS A 99 -40.11 -5.39 -21.58
N THR A 100 -40.76 -6.30 -20.87
CA THR A 100 -40.05 -7.44 -20.29
C THR A 100 -39.61 -8.45 -21.35
N ARG A 101 -40.31 -8.55 -22.48
CA ARG A 101 -39.88 -9.48 -23.52
C ARG A 101 -38.70 -8.91 -24.29
N ASP A 102 -38.56 -7.58 -24.30
CA ASP A 102 -37.40 -7.02 -24.95
C ASP A 102 -36.19 -7.10 -24.03
N VAL A 103 -36.38 -6.95 -22.72
CA VAL A 103 -35.20 -6.93 -21.85
C VAL A 103 -34.87 -8.30 -21.25
N ALA A 104 -35.82 -8.87 -20.49
CA ALA A 104 -35.53 -10.05 -19.67
C ALA A 104 -35.31 -11.31 -20.49
N HIS A 105 -35.75 -11.35 -21.75
CA HIS A 105 -35.49 -12.49 -22.62
C HIS A 105 -34.24 -12.23 -23.45
N MET A 106 -33.15 -11.95 -22.74
CA MET A 106 -31.90 -11.54 -23.35
C MET A 106 -31.04 -12.77 -23.67
N ASP A 107 -30.09 -12.59 -24.58
CA ASP A 107 -29.14 -13.63 -24.93
C ASP A 107 -28.27 -13.94 -23.71
N PRO A 108 -27.89 -15.21 -23.48
CA PRO A 108 -26.96 -15.50 -22.37
C PRO A 108 -25.62 -14.83 -22.49
N HIS A 109 -25.11 -14.71 -23.72
CA HIS A 109 -23.76 -14.20 -23.92
C HIS A 109 -23.65 -12.73 -23.51
N VAL A 110 -24.51 -11.87 -24.05
CA VAL A 110 -24.40 -10.45 -23.73
C VAL A 110 -24.79 -10.17 -22.28
N LEU A 111 -25.59 -11.05 -21.68
CA LEU A 111 -25.79 -11.06 -20.23
C LEU A 111 -24.48 -11.24 -19.49
N LEU A 112 -23.69 -12.25 -19.88
CA LEU A 112 -22.41 -12.50 -19.22
C LEU A 112 -21.41 -11.37 -19.47
N GLN A 113 -21.13 -11.06 -20.74
CA GLN A 113 -20.16 -10.01 -21.06
C GLN A 113 -20.60 -8.59 -20.64
N ILE A 114 -21.86 -8.36 -20.30
CA ILE A 114 -22.19 -7.07 -19.71
C ILE A 114 -22.08 -7.09 -18.19
N PHE A 115 -22.66 -8.09 -17.53
CA PHE A 115 -22.79 -7.98 -16.07
C PHE A 115 -21.65 -8.61 -15.29
N LEU A 116 -21.09 -9.72 -15.78
CA LEU A 116 -20.02 -10.40 -15.06
C LEU A 116 -18.72 -9.61 -14.85
N PRO A 117 -18.16 -8.87 -15.85
CA PRO A 117 -16.92 -8.12 -15.55
C PRO A 117 -17.08 -7.05 -14.49
N VAL A 118 -18.25 -6.40 -14.44
CA VAL A 118 -18.49 -5.34 -13.46
C VAL A 118 -18.51 -5.91 -12.05
N LEU A 119 -19.25 -7.01 -11.85
CA LEU A 119 -19.34 -7.65 -10.53
C LEU A 119 -18.00 -8.21 -10.09
N ILE A 120 -17.28 -8.88 -11.00
CA ILE A 120 -16.00 -9.48 -10.66
C ILE A 120 -14.96 -8.40 -10.36
N PHE A 121 -14.93 -7.34 -11.15
CA PHE A 121 -13.95 -6.27 -10.95
C PHE A 121 -14.23 -5.48 -9.69
N GLU A 122 -15.51 -5.26 -9.35
CA GLU A 122 -15.80 -4.56 -8.10
C GLU A 122 -15.50 -5.43 -6.89
N SER A 123 -15.75 -6.75 -6.99
CA SER A 123 -15.39 -7.65 -5.90
C SER A 123 -13.89 -7.70 -5.70
N ALA A 124 -13.12 -7.62 -6.78
CA ALA A 124 -11.67 -7.59 -6.65
C ALA A 124 -11.15 -6.23 -6.20
N PHE A 125 -11.82 -5.15 -6.58
CA PHE A 125 -11.34 -3.79 -6.31
C PHE A 125 -11.75 -3.27 -4.95
N ALA A 126 -12.76 -3.86 -4.32
CA ALA A 126 -13.14 -3.46 -2.97
C ALA A 126 -12.30 -4.12 -1.90
N MET A 127 -11.34 -4.96 -2.29
CA MET A 127 -10.58 -5.76 -1.34
C MET A 127 -9.52 -4.91 -0.64
N ASP A 128 -9.17 -5.33 0.57
CA ASP A 128 -7.96 -4.85 1.23
C ASP A 128 -6.91 -5.88 0.82
N VAL A 129 -6.12 -5.53 -0.18
CA VAL A 129 -5.27 -6.52 -0.84
C VAL A 129 -4.06 -6.92 -0.01
N HIS A 130 -3.64 -6.07 0.95
CA HIS A 130 -2.49 -6.43 1.77
C HIS A 130 -2.86 -7.51 2.76
N THR A 131 -4.01 -7.38 3.41
CA THR A 131 -4.51 -8.38 4.34
C THR A 131 -4.92 -9.66 3.61
N PHE A 132 -5.45 -9.53 2.40
CA PHE A 132 -5.76 -10.69 1.57
C PHE A 132 -4.51 -11.44 1.16
N MET A 133 -3.46 -10.72 0.77
CA MET A 133 -2.20 -11.37 0.40
C MET A 133 -1.47 -11.95 1.60
N ARG A 134 -1.72 -11.42 2.80
CA ARG A 134 -1.12 -11.98 3.99
C ARG A 134 -1.72 -13.34 4.36
N SER A 135 -2.95 -13.59 3.93
CA SER A 135 -3.62 -14.87 4.15
C SER A 135 -4.07 -15.48 2.82
N PHE A 136 -3.25 -15.33 1.79
CA PHE A 136 -3.64 -15.78 0.46
C PHE A 136 -3.62 -17.29 0.32
N SER A 137 -2.69 -17.97 1.00
CA SER A 137 -2.60 -19.42 0.92
C SER A 137 -3.84 -20.09 1.50
N GLN A 138 -4.29 -19.61 2.66
CA GLN A 138 -5.46 -20.17 3.32
C GLN A 138 -6.73 -19.93 2.51
N VAL A 139 -6.91 -18.70 2.02
CA VAL A 139 -8.07 -18.36 1.19
C VAL A 139 -8.07 -19.18 -0.09
N CYS A 140 -6.90 -19.34 -0.71
CA CYS A 140 -6.81 -20.07 -1.98
C CYS A 140 -7.12 -21.55 -1.79
N ILE A 141 -6.55 -22.18 -0.76
CA ILE A 141 -6.78 -23.61 -0.56
C ILE A 141 -8.23 -23.85 -0.13
N LEU A 142 -8.78 -22.96 0.71
CA LEU A 142 -10.15 -23.11 1.18
C LEU A 142 -11.14 -22.94 0.04
N ALA A 143 -11.01 -21.85 -0.74
CA ALA A 143 -11.93 -21.57 -1.83
C ALA A 143 -11.84 -22.61 -2.92
N LEU A 144 -10.63 -22.99 -3.35
CA LEU A 144 -10.47 -23.93 -4.45
C LEU A 144 -10.94 -25.33 -4.06
N PHE A 145 -10.42 -25.87 -2.96
CA PHE A 145 -10.75 -27.24 -2.60
C PHE A 145 -12.19 -27.34 -2.09
N GLY A 146 -12.68 -26.31 -1.41
CA GLY A 146 -14.08 -26.29 -1.01
C GLY A 146 -15.03 -26.18 -2.18
N LEU A 147 -14.65 -25.42 -3.21
CA LEU A 147 -15.44 -25.38 -4.44
C LEU A 147 -15.52 -26.72 -5.12
N VAL A 148 -14.38 -27.41 -5.28
CA VAL A 148 -14.40 -28.71 -5.94
C VAL A 148 -15.20 -29.73 -5.14
N VAL A 149 -14.92 -29.85 -3.84
CA VAL A 149 -15.58 -30.92 -3.08
C VAL A 149 -17.03 -30.56 -2.77
N ALA A 150 -17.38 -29.28 -2.66
CA ALA A 150 -18.77 -28.90 -2.48
C ALA A 150 -19.56 -29.06 -3.77
N SER A 151 -18.94 -28.84 -4.93
CA SER A 151 -19.62 -29.06 -6.20
C SER A 151 -19.91 -30.54 -6.42
N VAL A 152 -18.94 -31.42 -6.16
CA VAL A 152 -19.21 -32.85 -6.31
C VAL A 152 -20.20 -33.35 -5.26
N LEU A 153 -20.15 -32.82 -4.03
CA LEU A 153 -21.11 -33.23 -3.02
C LEU A 153 -22.53 -32.78 -3.36
N THR A 154 -22.68 -31.55 -3.85
CA THR A 154 -24.01 -31.09 -4.27
C THR A 154 -24.48 -31.82 -5.52
N ALA A 155 -23.55 -32.21 -6.40
CA ALA A 155 -23.89 -33.00 -7.58
C ALA A 155 -24.40 -34.39 -7.22
N VAL A 156 -23.71 -35.06 -6.30
CA VAL A 156 -24.14 -36.37 -5.82
C VAL A 156 -25.48 -36.25 -5.09
N LEU A 157 -25.66 -35.16 -4.33
CA LEU A 157 -26.93 -34.87 -3.67
C LEU A 157 -28.06 -34.70 -4.66
N ALA A 158 -27.82 -33.95 -5.75
CA ALA A 158 -28.86 -33.72 -6.75
C ALA A 158 -29.23 -35.00 -7.48
N MET A 159 -28.23 -35.81 -7.84
CA MET A 159 -28.50 -37.08 -8.52
C MET A 159 -29.21 -38.08 -7.62
N ASN A 160 -28.85 -38.13 -6.33
CA ASN A 160 -29.46 -39.10 -5.44
C ASN A 160 -30.79 -38.63 -4.86
N LEU A 161 -31.10 -37.34 -4.89
CA LEU A 161 -32.29 -36.81 -4.26
C LEU A 161 -33.36 -36.39 -5.27
N PHE A 162 -32.96 -35.70 -6.33
CA PHE A 162 -33.94 -35.14 -7.25
C PHE A 162 -34.57 -36.24 -8.11
N ASN A 163 -35.85 -36.07 -8.41
CA ASN A 163 -36.58 -37.00 -9.26
C ASN A 163 -36.15 -36.92 -10.72
N TYR A 164 -35.53 -35.81 -11.12
CA TYR A 164 -35.12 -35.63 -12.50
C TYR A 164 -33.94 -36.54 -12.81
N ASN A 165 -33.89 -37.06 -14.03
CA ASN A 165 -32.83 -37.99 -14.43
C ASN A 165 -31.61 -37.22 -14.95
N TRP A 166 -31.05 -36.39 -14.08
CA TRP A 166 -29.85 -35.65 -14.43
C TRP A 166 -28.63 -36.56 -14.42
N ASN A 167 -27.71 -36.30 -15.32
CA ASN A 167 -26.46 -37.04 -15.35
C ASN A 167 -25.43 -36.32 -14.48
N PHE A 168 -24.17 -36.74 -14.58
CA PHE A 168 -23.14 -36.27 -13.68
C PHE A 168 -22.71 -34.84 -14.01
N SER A 169 -22.68 -34.50 -15.32
CA SER A 169 -22.21 -33.19 -15.74
C SER A 169 -23.22 -32.09 -15.44
N GLU A 170 -24.51 -32.35 -15.66
CA GLU A 170 -25.54 -31.38 -15.30
C GLU A 170 -25.60 -31.18 -13.80
N ALA A 171 -25.31 -32.22 -13.04
CA ALA A 171 -25.26 -32.12 -11.60
C ALA A 171 -24.06 -31.29 -11.13
N MET A 172 -22.89 -31.41 -11.79
CA MET A 172 -21.82 -30.47 -11.44
C MET A 172 -22.14 -29.05 -11.87
N MET A 173 -22.92 -28.87 -12.95
CA MET A 173 -23.36 -27.53 -13.32
C MET A 173 -24.25 -26.93 -12.23
N PHE A 174 -25.15 -27.75 -11.68
CA PHE A 174 -25.99 -27.33 -10.56
C PHE A 174 -25.17 -27.01 -9.33
N GLY A 175 -24.19 -27.85 -9.01
CA GLY A 175 -23.33 -27.59 -7.86
C GLY A 175 -22.45 -26.36 -8.03
N ALA A 176 -22.00 -26.11 -9.26
CA ALA A 176 -21.20 -24.92 -9.55
C ALA A 176 -22.03 -23.65 -9.42
N ILE A 177 -23.30 -23.72 -9.80
CA ILE A 177 -24.18 -22.57 -9.59
C ILE A 177 -24.46 -22.36 -8.11
N MET A 178 -24.68 -23.47 -7.37
CA MET A 178 -25.06 -23.38 -5.97
C MET A 178 -23.92 -22.91 -5.07
N SER A 179 -22.70 -23.36 -5.32
CA SER A 179 -21.61 -23.08 -4.38
C SER A 179 -20.98 -21.71 -4.58
N ALA A 180 -21.41 -20.93 -5.58
CA ALA A 180 -20.91 -19.58 -5.77
C ALA A 180 -21.56 -18.65 -4.77
N THR A 181 -20.76 -18.01 -3.92
CA THR A 181 -21.26 -17.23 -2.80
C THR A 181 -20.95 -15.76 -2.98
N ASP A 182 -21.91 -14.90 -2.67
CA ASP A 182 -21.75 -13.45 -2.72
C ASP A 182 -22.22 -12.81 -1.42
N PRO A 183 -21.40 -12.85 -0.36
CA PRO A 183 -21.78 -12.15 0.87
C PRO A 183 -21.32 -10.70 0.85
N VAL A 184 -22.27 -9.79 0.99
CA VAL A 184 -21.98 -8.37 1.15
C VAL A 184 -22.48 -7.84 2.48
N ALA A 185 -23.64 -8.32 2.93
CA ALA A 185 -24.16 -7.92 4.24
C ALA A 185 -23.28 -8.46 5.37
N VAL A 186 -22.73 -9.67 5.18
CA VAL A 186 -21.85 -10.27 6.19
C VAL A 186 -20.55 -9.48 6.30
N VAL A 187 -19.97 -9.09 5.17
CA VAL A 187 -18.71 -8.35 5.21
C VAL A 187 -18.94 -6.92 5.70
N ALA A 188 -20.11 -6.35 5.41
CA ALA A 188 -20.46 -5.05 5.97
C ALA A 188 -20.62 -5.10 7.48
N LEU A 189 -21.27 -6.16 7.98
CA LEU A 189 -21.45 -6.33 9.41
C LEU A 189 -20.11 -6.61 10.10
N LEU A 190 -19.23 -7.36 9.45
CA LEU A 190 -17.93 -7.66 10.03
C LEU A 190 -17.02 -6.44 10.06
N LYS A 191 -17.08 -5.60 9.02
CA LYS A 191 -16.31 -4.36 9.04
C LYS A 191 -16.87 -3.37 10.05
N ASP A 192 -18.18 -3.35 10.22
CA ASP A 192 -18.79 -2.38 11.13
C ASP A 192 -18.60 -2.76 12.60
N LEU A 193 -18.63 -4.04 12.93
CA LEU A 193 -18.74 -4.47 14.31
C LEU A 193 -17.37 -4.76 14.92
N GLY A 194 -16.55 -3.70 14.96
CA GLY A 194 -15.31 -3.69 15.72
C GLY A 194 -14.23 -4.66 15.30
N ALA A 195 -14.00 -5.69 16.12
CA ALA A 195 -12.89 -6.61 15.94
C ALA A 195 -13.24 -7.65 14.87
N SER A 196 -12.38 -8.68 14.78
CA SER A 196 -12.44 -9.74 13.75
C SER A 196 -12.43 -9.14 12.35
N LYS A 197 -11.54 -8.18 12.14
CA LYS A 197 -11.44 -7.51 10.85
C LYS A 197 -10.83 -8.41 9.79
N GLN A 198 -10.01 -9.39 10.21
CA GLN A 198 -9.37 -10.27 9.26
C GLN A 198 -10.34 -11.32 8.73
N LEU A 199 -11.37 -11.66 9.52
CA LEU A 199 -12.36 -12.63 9.09
C LEU A 199 -13.19 -12.13 7.91
N GLY A 200 -13.48 -10.83 7.89
CA GLY A 200 -14.19 -10.26 6.74
C GLY A 200 -13.37 -10.30 5.47
N THR A 201 -12.05 -10.07 5.58
CA THR A 201 -11.17 -10.20 4.43
C THR A 201 -11.07 -11.65 3.97
N ILE A 202 -11.07 -12.59 4.93
CA ILE A 202 -11.05 -14.01 4.63
C ILE A 202 -12.30 -14.41 3.84
N ILE A 203 -13.45 -13.93 4.30
CA ILE A 203 -14.73 -14.23 3.66
C ILE A 203 -14.81 -13.60 2.28
N GLU A 204 -14.33 -12.35 2.14
CA GLU A 204 -14.36 -11.67 0.85
C GLU A 204 -13.44 -12.32 -0.17
N GLY A 205 -12.23 -12.72 0.25
CA GLY A 205 -11.32 -13.38 -0.67
C GLY A 205 -11.80 -14.76 -1.09
N GLU A 206 -12.36 -15.50 -0.13
CA GLU A 206 -12.97 -16.79 -0.45
C GLU A 206 -14.13 -16.62 -1.40
N SER A 207 -14.91 -15.56 -1.23
CA SER A 207 -16.03 -15.27 -2.12
C SER A 207 -15.57 -14.91 -3.52
N LEU A 208 -14.50 -14.11 -3.65
CA LEU A 208 -14.03 -13.68 -4.95
C LEU A 208 -13.44 -14.85 -5.74
N LEU A 209 -12.56 -15.63 -5.10
CA LEU A 209 -12.01 -16.81 -5.77
C LEU A 209 -13.07 -17.88 -5.99
N ASN A 210 -14.05 -17.96 -5.10
CA ASN A 210 -15.19 -18.86 -5.23
C ASN A 210 -16.00 -18.53 -6.46
N ASP A 211 -16.28 -17.23 -6.67
CA ASP A 211 -17.03 -16.78 -7.84
C ASP A 211 -16.26 -17.05 -9.12
N GLY A 212 -14.97 -16.73 -9.13
CA GLY A 212 -14.18 -16.91 -10.35
C GLY A 212 -14.06 -18.37 -10.77
N CYS A 213 -13.65 -19.23 -9.83
CA CYS A 213 -13.47 -20.63 -10.20
C CYS A 213 -14.81 -21.35 -10.34
N ALA A 214 -15.88 -20.81 -9.74
CA ALA A 214 -17.20 -21.39 -9.92
C ALA A 214 -17.73 -21.12 -11.32
N ILE A 215 -17.50 -19.91 -11.84
CA ILE A 215 -17.86 -19.63 -13.23
C ILE A 215 -16.97 -20.43 -14.18
N VAL A 216 -15.72 -20.69 -13.79
CA VAL A 216 -14.82 -21.51 -14.62
C VAL A 216 -15.36 -22.95 -14.74
N ILE A 217 -15.69 -23.58 -13.61
CA ILE A 217 -16.17 -24.96 -13.66
C ILE A 217 -17.58 -25.01 -14.25
N PHE A 218 -18.37 -23.94 -14.07
CA PHE A 218 -19.67 -23.84 -14.72
C PHE A 218 -19.55 -23.78 -16.23
N ASN A 219 -18.59 -23.00 -16.74
CA ASN A 219 -18.40 -22.90 -18.19
C ASN A 219 -17.89 -24.22 -18.76
N VAL A 220 -17.03 -24.92 -18.00
CA VAL A 220 -16.51 -26.22 -18.45
C VAL A 220 -17.65 -27.23 -18.59
N PHE A 221 -18.49 -27.34 -17.57
CA PHE A 221 -19.59 -28.30 -17.67
C PHE A 221 -20.73 -27.81 -18.55
N MET A 222 -20.89 -26.50 -18.76
CA MET A 222 -21.86 -25.99 -19.71
C MET A 222 -21.45 -26.32 -21.14
N LYS A 223 -20.17 -26.18 -21.44
CA LYS A 223 -19.65 -26.60 -22.74
C LYS A 223 -19.72 -28.12 -22.89
N MET A 224 -19.63 -28.84 -21.78
CA MET A 224 -19.82 -30.29 -21.83
C MET A 224 -21.27 -30.67 -22.15
N VAL A 225 -22.23 -29.98 -21.55
CA VAL A 225 -23.64 -30.38 -21.63
C VAL A 225 -24.33 -29.80 -22.86
N PHE A 226 -24.37 -28.47 -22.96
CA PHE A 226 -25.24 -27.81 -23.93
C PHE A 226 -24.68 -27.91 -25.35
N PHE A 227 -23.36 -28.04 -25.46
CA PHE A 227 -22.75 -28.16 -26.78
C PHE A 227 -21.92 -29.45 -26.81
N PRO A 228 -22.55 -30.61 -26.97
CA PRO A 228 -21.84 -31.89 -26.83
C PRO A 228 -21.21 -32.44 -28.10
N GLN A 229 -21.03 -31.61 -29.13
CA GLN A 229 -20.57 -32.11 -30.42
C GLN A 229 -19.08 -32.48 -30.40
N LEU A 230 -18.35 -31.99 -29.40
CA LEU A 230 -16.91 -32.21 -29.36
C LEU A 230 -16.58 -33.58 -28.76
N THR A 231 -15.69 -34.30 -29.44
CA THR A 231 -15.05 -35.48 -28.89
C THR A 231 -13.55 -35.22 -28.83
N SER A 232 -12.91 -35.62 -27.73
CA SER A 232 -11.54 -35.22 -27.48
C SER A 232 -10.77 -36.40 -26.89
N THR A 233 -9.44 -36.31 -27.01
CA THR A 233 -8.53 -37.27 -26.42
C THR A 233 -8.07 -36.76 -25.05
N VAL A 234 -7.11 -37.46 -24.46
CA VAL A 234 -6.57 -37.05 -23.17
C VAL A 234 -5.72 -35.79 -23.33
N GLY A 235 -4.92 -35.71 -24.40
CA GLY A 235 -3.99 -34.61 -24.56
C GLY A 235 -4.68 -33.28 -24.80
N GLN A 236 -5.74 -33.29 -25.62
CA GLN A 236 -6.51 -32.08 -25.86
C GLN A 236 -7.23 -31.62 -24.60
N ASN A 237 -7.67 -32.56 -23.76
CA ASN A 237 -8.37 -32.21 -22.54
C ASN A 237 -7.43 -31.57 -21.51
N VAL A 238 -6.23 -32.14 -21.33
CA VAL A 238 -5.29 -31.52 -20.39
C VAL A 238 -4.72 -30.23 -20.98
N LEU A 239 -4.68 -30.11 -22.31
CA LEU A 239 -4.29 -28.84 -22.92
C LEU A 239 -5.35 -27.77 -22.67
N TYR A 240 -6.63 -28.15 -22.72
CA TYR A 240 -7.70 -27.21 -22.43
C TYR A 240 -7.68 -26.78 -20.96
N PHE A 241 -7.42 -27.74 -20.06
CA PHE A 241 -7.34 -27.41 -18.64
C PHE A 241 -6.17 -26.49 -18.34
N LEU A 242 -5.01 -26.78 -18.94
CA LEU A 242 -3.85 -25.92 -18.77
C LEU A 242 -4.10 -24.54 -19.36
N GLN A 243 -4.76 -24.48 -20.52
CA GLN A 243 -5.04 -23.21 -21.19
C GLN A 243 -5.96 -22.35 -20.35
N VAL A 244 -7.03 -22.93 -19.80
CA VAL A 244 -7.95 -22.16 -18.95
C VAL A 244 -7.24 -21.70 -17.68
N ALA A 245 -6.61 -22.65 -16.97
CA ALA A 245 -6.11 -22.41 -15.62
C ALA A 245 -4.93 -21.44 -15.61
N VAL A 246 -4.04 -21.50 -16.60
CA VAL A 246 -2.90 -20.60 -16.55
C VAL A 246 -3.13 -19.38 -17.44
N ALA A 247 -3.88 -19.52 -18.55
CA ALA A 247 -3.99 -18.42 -19.48
C ALA A 247 -5.08 -17.45 -19.06
N GLY A 248 -5.85 -17.77 -18.03
CA GLY A 248 -6.67 -16.76 -17.40
C GLY A 248 -5.83 -15.73 -16.65
N PRO A 249 -5.16 -16.20 -15.58
CA PRO A 249 -4.30 -15.29 -14.80
C PRO A 249 -3.15 -14.66 -15.57
N LEU A 250 -2.57 -15.33 -16.56
CA LEU A 250 -1.46 -14.73 -17.30
C LEU A 250 -1.95 -13.58 -18.18
N TRP A 251 -3.11 -13.75 -18.84
CA TRP A 251 -3.70 -12.67 -19.62
C TRP A 251 -4.11 -11.52 -18.71
N GLY A 252 -4.68 -11.82 -17.54
CA GLY A 252 -5.02 -10.78 -16.59
C GLY A 252 -3.80 -10.02 -16.09
N TYR A 253 -2.70 -10.75 -15.82
CA TYR A 253 -1.45 -10.14 -15.39
C TYR A 253 -0.88 -9.24 -16.47
N ALA A 254 -0.94 -9.68 -17.73
CA ALA A 254 -0.40 -8.89 -18.83
C ALA A 254 -1.17 -7.59 -19.03
N VAL A 255 -2.51 -7.68 -19.08
CA VAL A 255 -3.31 -6.47 -19.28
C VAL A 255 -3.25 -5.57 -18.05
N ALA A 256 -3.09 -6.17 -16.86
CA ALA A 256 -2.95 -5.38 -15.65
C ALA A 256 -1.64 -4.62 -15.61
N LYS A 257 -0.54 -5.24 -16.06
CA LYS A 257 0.74 -4.55 -16.14
C LYS A 257 0.72 -3.43 -17.17
N VAL A 258 0.09 -3.69 -18.32
CA VAL A 258 -0.04 -2.65 -19.36
C VAL A 258 -0.91 -1.50 -18.86
N THR A 259 -1.99 -1.82 -18.14
CA THR A 259 -2.88 -0.80 -17.62
C THR A 259 -2.21 0.03 -16.53
N VAL A 260 -1.42 -0.62 -15.66
CA VAL A 260 -0.68 0.08 -14.62
C VAL A 260 0.38 0.99 -15.23
N PHE A 261 1.06 0.52 -16.28
CA PHE A 261 2.01 1.37 -17.00
C PHE A 261 1.32 2.55 -17.67
N PHE A 262 0.11 2.34 -18.19
CA PHE A 262 -0.59 3.44 -18.85
C PHE A 262 -1.09 4.44 -17.84
N LEU A 263 -1.56 3.97 -16.68
CA LEU A 263 -2.05 4.85 -15.63
C LEU A 263 -0.92 5.59 -14.93
N SER A 264 0.29 5.05 -14.98
CA SER A 264 1.43 5.72 -14.36
C SER A 264 1.87 6.96 -15.12
N HIS A 265 1.49 7.08 -16.38
CA HIS A 265 1.95 8.16 -17.24
C HIS A 265 0.83 9.09 -17.66
N ILE A 266 -0.16 9.28 -16.79
CA ILE A 266 -1.29 10.17 -17.04
C ILE A 266 -1.29 11.24 -15.95
N PHE A 267 -1.17 12.49 -16.36
CA PHE A 267 -1.17 13.61 -15.43
C PHE A 267 -2.26 14.61 -15.83
N ASN A 268 -3.03 15.02 -14.83
CA ASN A 268 -4.04 16.08 -14.93
C ASN A 268 -5.12 15.72 -15.95
N ASP A 269 -5.59 14.47 -15.91
CA ASP A 269 -6.72 14.08 -16.74
C ASP A 269 -7.32 12.87 -16.01
N ALA A 270 -8.41 13.12 -15.28
CA ALA A 270 -9.06 12.05 -14.52
C ALA A 270 -9.92 11.15 -15.41
N LEU A 271 -10.63 11.76 -16.37
CA LEU A 271 -11.63 11.05 -17.14
C LEU A 271 -11.01 9.97 -18.01
N VAL A 272 -9.80 10.22 -18.51
CA VAL A 272 -9.09 9.22 -19.28
C VAL A 272 -8.74 8.02 -18.41
N GLU A 273 -8.32 8.26 -17.16
CA GLU A 273 -8.00 7.15 -16.24
C GLU A 273 -9.23 6.28 -15.96
N ILE A 274 -10.40 6.92 -15.75
CA ILE A 274 -11.64 6.17 -15.56
C ILE A 274 -11.99 5.36 -16.80
N THR A 275 -11.80 5.94 -18.00
CA THR A 275 -12.18 5.23 -19.21
C THR A 275 -11.26 4.06 -19.51
N ILE A 276 -9.96 4.17 -19.22
CA ILE A 276 -9.08 3.01 -19.40
C ILE A 276 -9.36 1.94 -18.37
N THR A 277 -9.77 2.31 -17.15
CA THR A 277 -10.15 1.28 -16.19
C THR A 277 -11.37 0.47 -16.67
N LEU A 278 -12.39 1.19 -17.16
CA LEU A 278 -13.59 0.52 -17.70
C LEU A 278 -13.27 -0.29 -18.95
N ALA A 279 -12.52 0.30 -19.88
CA ALA A 279 -12.22 -0.36 -21.15
C ALA A 279 -11.26 -1.52 -20.97
N ALA A 280 -10.33 -1.42 -20.03
CA ALA A 280 -9.42 -2.52 -19.75
C ALA A 280 -10.16 -3.69 -19.13
N THR A 281 -11.12 -3.42 -18.23
CA THR A 281 -11.93 -4.49 -17.67
C THR A 281 -12.75 -5.21 -18.75
N TYR A 282 -13.48 -4.45 -19.56
CA TYR A 282 -14.35 -5.06 -20.56
C TYR A 282 -13.54 -5.72 -21.67
N LEU A 283 -12.42 -5.11 -22.07
CA LEU A 283 -11.58 -5.68 -23.12
C LEU A 283 -10.89 -6.95 -22.65
N THR A 284 -10.42 -6.97 -21.39
CA THR A 284 -9.82 -8.18 -20.84
C THR A 284 -10.80 -9.32 -20.83
N TYR A 285 -12.03 -9.08 -20.34
CA TYR A 285 -13.02 -10.15 -20.30
C TYR A 285 -13.42 -10.60 -21.70
N TYR A 286 -13.62 -9.66 -22.62
CA TYR A 286 -14.12 -10.02 -23.95
C TYR A 286 -13.07 -10.75 -24.77
N ILE A 287 -11.84 -10.22 -24.79
CA ILE A 287 -10.76 -10.86 -25.55
C ILE A 287 -10.43 -12.23 -24.97
N GLY A 288 -10.41 -12.34 -23.63
CA GLY A 288 -10.15 -13.63 -23.01
C GLY A 288 -11.24 -14.65 -23.27
N ASP A 289 -12.49 -14.25 -23.17
CA ASP A 289 -13.58 -15.21 -23.31
C ASP A 289 -13.84 -15.60 -24.77
N ILE A 290 -13.69 -14.67 -25.72
CA ILE A 290 -14.05 -14.93 -27.10
C ILE A 290 -12.84 -15.17 -27.98
N TRP A 291 -11.85 -14.28 -27.92
CA TRP A 291 -10.76 -14.33 -28.89
C TRP A 291 -9.72 -15.38 -28.51
N LEU A 292 -9.31 -15.39 -27.25
CA LEU A 292 -8.29 -16.32 -26.77
C LEU A 292 -8.86 -17.65 -26.29
N GLU A 293 -10.18 -17.73 -26.12
CA GLU A 293 -10.89 -18.91 -25.60
C GLU A 293 -10.34 -19.35 -24.24
N VAL A 294 -10.07 -18.39 -23.37
CA VAL A 294 -9.58 -18.64 -22.03
C VAL A 294 -10.62 -18.16 -21.03
N SER A 295 -10.40 -18.51 -19.76
CA SER A 295 -11.30 -18.08 -18.69
C SER A 295 -11.11 -16.60 -18.43
N GLY A 296 -12.06 -15.78 -18.89
CA GLY A 296 -11.96 -14.36 -18.71
C GLY A 296 -12.28 -13.88 -17.32
N VAL A 297 -12.97 -14.70 -16.52
CA VAL A 297 -13.32 -14.32 -15.16
C VAL A 297 -12.09 -14.23 -14.28
N LEU A 298 -11.18 -15.19 -14.42
CA LEU A 298 -9.93 -15.16 -13.66
C LEU A 298 -9.04 -14.02 -14.13
N ALA A 299 -9.14 -13.63 -15.40
CA ALA A 299 -8.37 -12.49 -15.89
C ALA A 299 -8.84 -11.20 -15.25
N VAL A 300 -10.16 -11.03 -15.10
CA VAL A 300 -10.69 -9.84 -14.44
C VAL A 300 -10.39 -9.88 -12.94
N VAL A 301 -10.35 -11.08 -12.34
CA VAL A 301 -9.94 -11.22 -10.94
C VAL A 301 -8.50 -10.76 -10.75
N VAL A 302 -7.59 -11.22 -11.62
CA VAL A 302 -6.19 -10.87 -11.50
C VAL A 302 -5.96 -9.39 -11.82
N LEU A 303 -6.68 -8.86 -12.81
CA LEU A 303 -6.56 -7.45 -13.16
C LEU A 303 -7.07 -6.55 -12.04
N GLY A 304 -8.19 -6.92 -11.42
CA GLY A 304 -8.71 -6.15 -10.31
C GLY A 304 -7.82 -6.22 -9.09
N LEU A 305 -7.22 -7.39 -8.83
CA LEU A 305 -6.33 -7.52 -7.69
C LEU A 305 -5.02 -6.75 -7.90
N ILE A 306 -4.53 -6.70 -9.13
CA ILE A 306 -3.29 -5.95 -9.38
C ILE A 306 -3.56 -4.44 -9.37
N VAL A 307 -4.70 -4.01 -9.92
CA VAL A 307 -5.04 -2.59 -9.90
C VAL A 307 -5.34 -2.12 -8.48
N ASN A 308 -6.01 -2.95 -7.68
CA ASN A 308 -6.17 -2.66 -6.26
C ASN A 308 -4.85 -2.76 -5.51
N ALA A 309 -3.92 -3.57 -5.99
CA ALA A 309 -2.63 -3.70 -5.36
C ALA A 309 -1.79 -2.46 -5.59
N GLU A 310 -1.74 -2.00 -6.82
CA GLU A 310 -0.97 -0.80 -7.13
C GLU A 310 -1.99 0.33 -7.36
N LYS A 311 -2.36 0.96 -6.25
CA LYS A 311 -3.26 2.11 -6.29
C LYS A 311 -2.53 3.45 -6.31
N THR A 312 -1.20 3.44 -6.32
CA THR A 312 -0.44 4.67 -6.17
C THR A 312 -0.29 5.47 -7.45
N SER A 313 -0.35 4.84 -8.64
CA SER A 313 -0.28 5.63 -9.88
C SER A 313 -1.62 6.22 -10.26
N ILE A 314 -2.67 5.85 -9.59
CA ILE A 314 -3.94 6.55 -9.73
C ILE A 314 -3.91 7.73 -8.77
N SER A 315 -4.34 8.90 -9.25
CA SER A 315 -4.44 10.07 -8.39
C SER A 315 -5.52 9.83 -7.34
N PRO A 316 -5.36 10.36 -6.12
CA PRO A 316 -6.31 10.01 -5.04
C PRO A 316 -7.76 10.40 -5.27
N GLU A 317 -8.03 11.52 -5.93
CA GLU A 317 -9.42 11.85 -6.27
C GLU A 317 -9.95 10.89 -7.32
N VAL A 318 -9.11 10.50 -8.27
CA VAL A 318 -9.48 9.49 -9.26
C VAL A 318 -9.69 8.14 -8.57
N GLU A 319 -8.90 7.85 -7.53
CA GLU A 319 -9.05 6.60 -6.80
C GLU A 319 -10.37 6.54 -6.04
N VAL A 320 -10.75 7.62 -5.35
CA VAL A 320 -11.99 7.59 -4.59
C VAL A 320 -13.19 7.61 -5.54
N PHE A 321 -13.06 8.28 -6.69
CA PHE A 321 -14.14 8.22 -7.67
C PHE A 321 -14.24 6.85 -8.30
N LEU A 322 -13.11 6.15 -8.46
CA LEU A 322 -13.15 4.81 -9.03
C LEU A 322 -13.79 3.83 -8.07
N HIS A 323 -13.51 3.96 -6.77
CA HIS A 323 -14.16 3.11 -5.76
C HIS A 323 -15.66 3.33 -5.75
N ARG A 324 -16.10 4.60 -5.69
CA ARG A 324 -17.53 4.90 -5.69
C ARG A 324 -18.20 4.49 -6.99
N PHE A 325 -17.51 4.69 -8.12
CA PHE A 325 -18.08 4.43 -9.44
C PHE A 325 -18.25 2.93 -9.68
N TRP A 326 -17.26 2.13 -9.27
CA TRP A 326 -17.38 0.70 -9.47
C TRP A 326 -18.38 0.08 -8.50
N GLU A 327 -18.49 0.64 -7.29
CA GLU A 327 -19.54 0.20 -6.38
C GLU A 327 -20.93 0.53 -6.93
N MET A 328 -21.08 1.71 -7.55
CA MET A 328 -22.35 2.08 -8.18
C MET A 328 -22.67 1.18 -9.37
N LEU A 329 -21.66 0.84 -10.18
CA LEU A 329 -21.87 -0.04 -11.31
C LEU A 329 -22.26 -1.45 -10.86
N ALA A 330 -21.65 -1.95 -9.80
CA ALA A 330 -22.01 -3.27 -9.28
C ALA A 330 -23.40 -3.25 -8.68
N TYR A 331 -23.79 -2.15 -8.04
CA TYR A 331 -25.15 -2.01 -7.53
C TYR A 331 -26.17 -2.00 -8.65
N LEU A 332 -25.83 -1.33 -9.76
CA LEU A 332 -26.69 -1.33 -10.94
C LEU A 332 -26.83 -2.72 -11.53
N ALA A 333 -25.71 -3.45 -11.62
CA ALA A 333 -25.73 -4.80 -12.16
C ALA A 333 -26.56 -5.74 -11.28
N ASN A 334 -26.41 -5.63 -9.95
CA ASN A 334 -27.16 -6.47 -9.03
C ASN A 334 -28.65 -6.18 -9.09
N THR A 335 -29.01 -4.89 -9.15
CA THR A 335 -30.42 -4.50 -9.22
C THR A 335 -31.07 -5.00 -10.51
N LEU A 336 -30.38 -4.81 -11.64
CA LEU A 336 -30.90 -5.28 -12.92
C LEU A 336 -31.02 -6.80 -12.95
N ILE A 337 -29.98 -7.51 -12.46
CA ILE A 337 -29.98 -8.97 -12.48
C ILE A 337 -31.11 -9.53 -11.64
N PHE A 338 -31.34 -8.96 -10.46
CA PHE A 338 -32.42 -9.45 -9.60
C PHE A 338 -33.80 -9.17 -10.21
N MET A 339 -33.96 -8.04 -10.90
CA MET A 339 -35.26 -7.76 -11.52
C MET A 339 -35.55 -8.71 -12.69
N MET A 340 -34.57 -8.96 -13.57
CA MET A 340 -34.82 -9.92 -14.64
C MET A 340 -34.95 -11.36 -14.12
N VAL A 341 -34.27 -11.70 -13.03
CA VAL A 341 -34.44 -13.01 -12.39
C VAL A 341 -35.88 -13.18 -11.92
N GLY A 342 -36.42 -12.15 -11.25
CA GLY A 342 -37.80 -12.22 -10.79
C GLY A 342 -38.80 -12.33 -11.93
N VAL A 343 -38.55 -11.57 -13.02
CA VAL A 343 -39.46 -11.59 -14.17
C VAL A 343 -39.48 -12.95 -14.84
N VAL A 344 -38.32 -13.53 -15.13
CA VAL A 344 -38.32 -14.80 -15.85
C VAL A 344 -38.70 -15.96 -14.92
N VAL A 345 -38.53 -15.77 -13.60
CA VAL A 345 -38.97 -16.80 -12.66
C VAL A 345 -40.49 -16.85 -12.63
N THR A 346 -41.15 -15.70 -12.54
CA THR A 346 -42.62 -15.76 -12.49
C THR A 346 -43.23 -15.93 -13.88
N GLN A 347 -42.45 -15.77 -14.94
CA GLN A 347 -43.00 -15.95 -16.27
C GLN A 347 -42.82 -17.38 -16.79
N LYS A 348 -41.67 -18.00 -16.57
CA LYS A 348 -41.45 -19.31 -17.15
C LYS A 348 -40.96 -20.36 -16.16
N ALA A 349 -40.24 -19.97 -15.12
CA ALA A 349 -39.74 -20.96 -14.17
C ALA A 349 -40.79 -21.41 -13.16
N LEU A 350 -41.88 -20.67 -13.02
CA LEU A 350 -42.94 -21.04 -12.10
C LEU A 350 -44.10 -21.77 -12.78
N VAL A 351 -44.00 -22.05 -14.08
CA VAL A 351 -45.05 -22.78 -14.77
C VAL A 351 -44.90 -24.29 -14.61
N ALA A 352 -43.72 -24.77 -14.21
CA ALA A 352 -43.51 -26.19 -13.95
C ALA A 352 -42.86 -26.33 -12.57
N VAL A 353 -43.70 -26.27 -11.54
CA VAL A 353 -43.29 -26.58 -10.17
C VAL A 353 -44.37 -27.47 -9.55
N ASP A 354 -43.97 -28.33 -8.62
CA ASP A 354 -44.88 -29.15 -7.83
C ASP A 354 -44.58 -28.94 -6.35
N LYS A 355 -45.32 -29.65 -5.50
CA LYS A 355 -45.02 -29.65 -4.07
C LYS A 355 -43.69 -30.34 -3.79
N MET A 356 -43.36 -31.36 -4.60
CA MET A 356 -42.07 -32.02 -4.48
C MET A 356 -40.92 -31.10 -4.82
N ASP A 357 -41.14 -30.12 -5.70
CA ASP A 357 -40.12 -29.13 -6.01
C ASP A 357 -39.81 -28.24 -4.80
N TRP A 358 -40.84 -27.81 -4.08
CA TRP A 358 -40.62 -27.03 -2.87
C TRP A 358 -39.95 -27.85 -1.77
N PHE A 359 -40.34 -29.12 -1.66
CA PHE A 359 -39.68 -30.00 -0.70
C PHE A 359 -38.21 -30.20 -1.05
N TYR A 360 -37.91 -30.34 -2.34
CA TYR A 360 -36.52 -30.46 -2.77
C TYR A 360 -35.75 -29.17 -2.55
N LEU A 361 -36.41 -28.03 -2.66
CA LEU A 361 -35.77 -26.75 -2.36
C LEU A 361 -35.40 -26.64 -0.88
N ILE A 362 -36.30 -27.07 0.00
CA ILE A 362 -36.02 -27.02 1.44
C ILE A 362 -34.88 -27.98 1.82
N ILE A 363 -34.94 -29.22 1.30
CA ILE A 363 -33.89 -30.20 1.58
C ILE A 363 -32.56 -29.75 0.96
N LEU A 364 -32.61 -29.10 -0.20
CA LEU A 364 -31.40 -28.58 -0.84
C LEU A 364 -30.77 -27.46 -0.03
N TYR A 365 -31.59 -26.57 0.56
CA TYR A 365 -31.05 -25.52 1.40
C TYR A 365 -30.37 -26.08 2.65
N LEU A 366 -31.05 -27.04 3.31
CA LEU A 366 -30.48 -27.66 4.50
C LEU A 366 -29.21 -28.42 4.17
N ALA A 367 -29.19 -29.16 3.05
CA ALA A 367 -28.02 -29.94 2.71
C ALA A 367 -26.89 -29.08 2.18
N ILE A 368 -27.19 -27.91 1.59
CA ILE A 368 -26.15 -27.00 1.17
C ILE A 368 -25.45 -26.40 2.38
N THR A 369 -26.22 -26.00 3.40
CA THR A 369 -25.60 -25.49 4.62
C THR A 369 -24.80 -26.58 5.34
N ILE A 370 -25.34 -27.80 5.38
CA ILE A 370 -24.66 -28.93 6.00
C ILE A 370 -23.37 -29.27 5.23
N ILE A 371 -23.41 -29.21 3.90
CA ILE A 371 -22.25 -29.53 3.07
C ILE A 371 -21.15 -28.50 3.26
N ARG A 372 -21.51 -27.21 3.32
CA ARG A 372 -20.52 -26.17 3.59
C ARG A 372 -19.92 -26.31 4.98
N GLY A 373 -20.75 -26.70 5.95
CA GLY A 373 -20.25 -26.95 7.30
C GLY A 373 -19.27 -28.11 7.35
N MET A 374 -19.56 -29.20 6.64
CA MET A 374 -18.62 -30.32 6.62
C MET A 374 -17.35 -30.00 5.85
N VAL A 375 -17.44 -29.14 4.81
CA VAL A 375 -16.24 -28.72 4.08
C VAL A 375 -15.31 -27.93 5.00
N ILE A 376 -15.88 -26.98 5.76
CA ILE A 376 -15.07 -26.17 6.66
C ILE A 376 -14.55 -27.00 7.83
N SER A 377 -15.36 -27.93 8.34
CA SER A 377 -14.93 -28.78 9.44
C SER A 377 -13.87 -29.79 8.99
N LEU A 378 -13.90 -30.19 7.74
CA LEU A 378 -12.87 -31.09 7.22
C LEU A 378 -11.57 -30.36 6.95
N PHE A 379 -11.64 -29.13 6.46
CA PHE A 379 -10.42 -28.38 6.18
C PHE A 379 -9.96 -27.55 7.36
N SER A 380 -10.62 -27.67 8.51
CA SER A 380 -10.19 -26.98 9.73
C SER A 380 -8.76 -27.24 10.20
N PRO A 381 -8.19 -28.45 10.16
CA PRO A 381 -6.78 -28.55 10.59
C PRO A 381 -5.80 -27.92 9.61
N ILE A 382 -6.05 -28.08 8.31
CA ILE A 382 -5.18 -27.49 7.28
C ILE A 382 -5.28 -25.97 7.32
N LEU A 383 -6.49 -25.44 7.52
CA LEU A 383 -6.66 -24.00 7.71
C LEU A 383 -6.12 -23.55 9.06
N SER A 384 -6.07 -24.45 10.04
CA SER A 384 -5.57 -24.10 11.38
C SER A 384 -4.06 -24.01 11.42
N ARG A 385 -3.36 -24.78 10.60
CA ARG A 385 -1.89 -24.69 10.56
C ARG A 385 -1.41 -23.61 9.58
N ILE A 386 -2.03 -22.44 9.70
CA ILE A 386 -1.71 -21.22 8.96
C ILE A 386 -1.51 -20.14 10.03
N GLY A 387 -0.75 -19.08 9.69
CA GLY A 387 -0.49 -18.00 10.64
C GLY A 387 -1.73 -17.29 11.16
N TYR A 388 -2.83 -17.34 10.41
CA TYR A 388 -4.15 -16.96 10.91
C TYR A 388 -5.02 -18.21 10.89
N GLY A 389 -5.02 -18.95 12.00
CA GLY A 389 -5.88 -20.12 12.11
C GLY A 389 -7.29 -19.72 12.51
N LEU A 390 -8.26 -20.50 12.04
CA LEU A 390 -9.65 -20.20 12.33
C LEU A 390 -10.10 -20.85 13.63
N THR A 391 -10.99 -20.17 14.34
CA THR A 391 -11.62 -20.71 15.53
C THR A 391 -12.93 -21.38 15.15
N TRP A 392 -13.67 -21.87 16.15
CA TRP A 392 -14.97 -22.46 15.88
C TRP A 392 -16.02 -21.40 15.56
N ARG A 393 -15.88 -20.21 16.17
CA ARG A 393 -16.85 -19.15 15.94
C ARG A 393 -16.72 -18.58 14.54
N ASN A 394 -15.48 -18.37 14.08
CA ASN A 394 -15.26 -17.90 12.71
C ASN A 394 -15.68 -18.93 11.68
N ALA A 395 -15.48 -20.22 11.99
CA ALA A 395 -15.92 -21.28 11.09
C ALA A 395 -17.43 -21.32 10.98
N VAL A 396 -18.15 -21.16 12.11
CA VAL A 396 -19.61 -21.16 12.09
C VAL A 396 -20.13 -19.91 11.38
N ILE A 397 -19.47 -18.77 11.59
CA ILE A 397 -19.86 -17.51 10.97
C ILE A 397 -19.69 -17.58 9.45
N MET A 398 -18.59 -18.17 9.00
CA MET A 398 -18.34 -18.31 7.57
C MET A 398 -19.22 -19.40 6.94
N THR A 399 -19.60 -20.42 7.72
CA THR A 399 -20.59 -21.39 7.26
C THR A 399 -21.94 -20.73 7.03
N TRP A 400 -22.41 -19.95 7.99
CA TRP A 400 -23.67 -19.22 7.86
C TRP A 400 -23.56 -18.00 6.97
N GLY A 401 -22.36 -17.57 6.61
CA GLY A 401 -22.18 -16.40 5.79
C GLY A 401 -22.18 -16.71 4.30
N GLY A 402 -22.55 -17.93 3.94
CA GLY A 402 -22.61 -18.32 2.55
C GLY A 402 -23.88 -17.84 1.88
N LEU A 403 -23.94 -16.54 1.57
CA LEU A 403 -25.09 -15.94 0.92
C LEU A 403 -24.92 -16.04 -0.59
N ARG A 404 -25.82 -16.78 -1.23
CA ARG A 404 -25.80 -16.87 -2.69
C ARG A 404 -26.36 -15.59 -3.30
N GLY A 405 -25.68 -15.09 -4.33
CA GLY A 405 -26.01 -13.78 -4.86
C GLY A 405 -26.39 -13.73 -6.32
N ALA A 406 -25.96 -12.68 -7.01
CA ALA A 406 -26.38 -12.42 -8.38
C ALA A 406 -25.62 -13.24 -9.40
N VAL A 407 -24.43 -13.74 -9.06
CA VAL A 407 -23.61 -14.49 -10.01
C VAL A 407 -24.27 -15.81 -10.38
N GLY A 408 -24.70 -16.57 -9.36
CA GLY A 408 -25.37 -17.83 -9.61
C GLY A 408 -26.73 -17.65 -10.26
N LEU A 409 -27.38 -16.53 -9.96
CA LEU A 409 -28.64 -16.20 -10.61
C LEU A 409 -28.45 -15.94 -12.10
N ALA A 410 -27.37 -15.23 -12.46
CA ALA A 410 -27.08 -14.99 -13.87
C ALA A 410 -26.68 -16.27 -14.59
N LEU A 411 -25.96 -17.15 -13.90
CA LEU A 411 -25.62 -18.43 -14.51
C LEU A 411 -26.85 -19.31 -14.69
N ALA A 412 -27.82 -19.21 -13.76
CA ALA A 412 -29.07 -19.93 -13.91
C ALA A 412 -29.90 -19.37 -15.07
N LEU A 413 -29.83 -18.04 -15.28
CA LEU A 413 -30.44 -17.44 -16.47
C LEU A 413 -29.80 -17.97 -17.75
N VAL A 414 -28.48 -18.12 -17.73
CA VAL A 414 -27.75 -18.64 -18.90
C VAL A 414 -28.18 -20.07 -19.18
N VAL A 415 -28.35 -20.87 -18.13
CA VAL A 415 -28.80 -22.25 -18.27
C VAL A 415 -30.24 -22.31 -18.79
N GLU A 416 -31.11 -21.43 -18.27
CA GLU A 416 -32.51 -21.39 -18.69
C GLU A 416 -32.64 -21.02 -20.17
N ASN A 417 -31.89 -20.00 -20.60
CA ASN A 417 -32.01 -19.57 -22.00
C ASN A 417 -31.33 -20.56 -22.93
N LEU A 418 -30.28 -21.23 -22.47
CA LEU A 418 -29.59 -22.21 -23.31
C LEU A 418 -30.37 -23.51 -23.43
N ALA A 419 -31.18 -23.86 -22.41
CA ALA A 419 -31.88 -25.13 -22.45
C ALA A 419 -33.06 -25.11 -23.41
N GLY A 420 -33.65 -23.94 -23.63
CA GLY A 420 -34.76 -23.86 -24.56
C GLY A 420 -36.05 -24.29 -23.91
N ASN A 421 -36.80 -25.15 -24.60
CA ASN A 421 -38.08 -25.62 -24.10
C ASN A 421 -37.97 -26.78 -23.13
N ASP A 422 -36.76 -27.27 -22.87
CA ASP A 422 -36.58 -28.34 -21.88
C ASP A 422 -36.82 -27.80 -20.47
N VAL A 423 -37.26 -28.69 -19.58
CA VAL A 423 -37.59 -28.29 -18.22
C VAL A 423 -36.38 -28.15 -17.32
N ILE A 424 -35.18 -28.52 -17.80
CA ILE A 424 -33.97 -28.48 -17.00
C ILE A 424 -33.62 -27.05 -16.60
N GLY A 425 -33.73 -26.11 -17.55
CA GLY A 425 -33.46 -24.72 -17.25
C GLY A 425 -34.48 -24.11 -16.29
N SER A 426 -35.75 -24.50 -16.41
CA SER A 426 -36.76 -24.03 -15.48
C SER A 426 -36.53 -24.54 -14.08
N LYS A 427 -36.14 -25.81 -13.94
CA LYS A 427 -35.84 -26.36 -12.61
C LYS A 427 -34.60 -25.69 -12.02
N PHE A 428 -33.58 -25.45 -12.85
CA PHE A 428 -32.37 -24.74 -12.43
C PHE A 428 -32.70 -23.34 -11.92
N LEU A 429 -33.56 -22.64 -12.65
CA LEU A 429 -33.91 -21.27 -12.32
C LEU A 429 -34.75 -21.19 -11.05
N PHE A 430 -35.73 -22.10 -10.91
CA PHE A 430 -36.56 -22.11 -9.72
C PHE A 430 -35.76 -22.45 -8.47
N HIS A 431 -34.88 -23.46 -8.57
CA HIS A 431 -34.09 -23.83 -7.41
C HIS A 431 -33.06 -22.76 -7.06
N THR A 432 -32.48 -22.10 -8.07
CA THR A 432 -31.51 -21.05 -7.79
C THR A 432 -32.16 -19.83 -7.16
N ALA A 433 -33.33 -19.43 -7.65
CA ALA A 433 -34.05 -18.29 -7.05
C ALA A 433 -34.50 -18.63 -5.63
N GLY A 434 -34.97 -19.85 -5.40
CA GLY A 434 -35.37 -20.24 -4.06
C GLY A 434 -34.21 -20.30 -3.08
N ILE A 435 -33.05 -20.80 -3.52
CA ILE A 435 -31.88 -20.86 -2.67
C ILE A 435 -31.37 -19.46 -2.36
N VAL A 436 -31.40 -18.56 -3.34
CA VAL A 436 -30.98 -17.18 -3.12
C VAL A 436 -31.90 -16.47 -2.14
N VAL A 437 -33.22 -16.66 -2.28
CA VAL A 437 -34.19 -16.03 -1.39
C VAL A 437 -34.04 -16.55 0.04
N LEU A 438 -33.95 -17.88 0.19
CA LEU A 438 -33.85 -18.49 1.51
C LEU A 438 -32.55 -18.11 2.20
N THR A 439 -31.42 -18.17 1.48
CA THR A 439 -30.14 -17.79 2.06
C THR A 439 -30.11 -16.33 2.46
N LEU A 440 -30.64 -15.44 1.60
CA LEU A 440 -30.64 -14.01 1.89
C LEU A 440 -31.43 -13.69 3.14
N VAL A 441 -32.70 -14.14 3.18
CA VAL A 441 -33.59 -13.82 4.30
C VAL A 441 -33.09 -14.46 5.60
N ILE A 442 -33.03 -15.80 5.62
CA ILE A 442 -32.75 -16.53 6.85
C ILE A 442 -31.32 -16.27 7.31
N ASN A 443 -30.36 -16.35 6.38
CA ASN A 443 -28.96 -16.16 6.72
C ASN A 443 -28.68 -14.73 7.18
N ALA A 444 -29.31 -13.70 6.58
CA ALA A 444 -29.01 -12.34 6.99
C ALA A 444 -29.56 -12.01 8.37
N THR A 445 -30.84 -12.36 8.61
CA THR A 445 -31.43 -12.09 9.92
C THR A 445 -30.71 -12.88 11.02
N THR A 446 -30.46 -14.16 10.76
CA THR A 446 -29.78 -14.93 11.77
C THR A 446 -28.27 -14.69 11.80
N ILE A 447 -27.67 -14.00 10.83
CA ILE A 447 -26.24 -13.74 10.97
C ILE A 447 -26.06 -12.52 11.87
N GLN A 448 -27.02 -11.59 11.82
CA GLN A 448 -27.02 -10.52 12.83
C GLN A 448 -27.24 -11.08 14.23
N THR A 449 -28.22 -12.00 14.36
CA THR A 449 -28.49 -12.64 15.65
C THR A 449 -27.29 -13.48 16.11
N LEU A 450 -26.62 -14.16 15.18
CA LEU A 450 -25.52 -15.06 15.50
C LEU A 450 -24.27 -14.31 15.92
N LEU A 451 -23.98 -13.19 15.26
CA LEU A 451 -22.91 -12.31 15.72
C LEU A 451 -23.23 -11.72 17.09
N ARG A 452 -24.51 -11.50 17.39
CA ARG A 452 -24.84 -11.06 18.74
C ARG A 452 -24.60 -12.14 19.79
N ILE A 453 -25.01 -13.40 19.51
CA ILE A 453 -24.98 -14.42 20.56
C ILE A 453 -23.56 -14.94 20.78
N LEU A 454 -22.80 -15.14 19.70
CA LEU A 454 -21.49 -15.78 19.82
C LEU A 454 -20.44 -14.93 20.53
N GLY A 455 -20.71 -13.66 20.77
CA GLY A 455 -19.77 -12.82 21.48
C GLY A 455 -18.75 -12.13 20.62
N MET A 456 -19.00 -11.99 19.33
CA MET A 456 -18.13 -11.23 18.44
C MET A 456 -18.68 -9.85 18.11
N SER A 457 -19.72 -9.40 18.80
CA SER A 457 -20.31 -8.09 18.58
C SER A 457 -20.12 -7.14 19.75
N ASP A 458 -19.46 -7.58 20.82
CA ASP A 458 -19.25 -6.69 21.95
C ASP A 458 -18.16 -5.68 21.64
N ILE A 459 -18.38 -4.44 22.04
CA ILE A 459 -17.39 -3.39 21.84
C ILE A 459 -16.33 -3.52 22.92
N SER A 460 -15.06 -3.43 22.52
CA SER A 460 -13.97 -3.55 23.46
C SER A 460 -13.89 -2.33 24.39
N ILE A 461 -13.35 -2.57 25.58
CA ILE A 461 -13.25 -1.55 26.63
C ILE A 461 -12.35 -0.36 26.23
N PRO A 462 -11.17 -0.52 25.60
CA PRO A 462 -10.47 0.69 25.11
C PRO A 462 -11.22 1.45 24.03
N LYS A 463 -11.92 0.74 23.13
CA LYS A 463 -12.73 1.42 22.12
C LYS A 463 -13.90 2.15 22.76
N ARG A 464 -14.51 1.55 23.79
CA ARG A 464 -15.60 2.19 24.50
C ARG A 464 -15.14 3.44 25.24
N LEU A 465 -13.97 3.38 25.88
CA LEU A 465 -13.43 4.53 26.60
C LEU A 465 -13.03 5.65 25.64
N ALA A 466 -12.44 5.29 24.50
CA ALA A 466 -12.07 6.29 23.50
C ALA A 466 -13.30 6.98 22.91
N MET A 467 -14.36 6.21 22.64
CA MET A 467 -15.57 6.80 22.08
C MET A 467 -16.28 7.66 23.12
N ALA A 468 -16.27 7.26 24.38
CA ALA A 468 -16.87 8.06 25.44
C ALA A 468 -16.11 9.37 25.62
N GLY A 469 -14.77 9.32 25.57
CA GLY A 469 -13.99 10.54 25.66
C GLY A 469 -14.20 11.47 24.49
N ALA A 470 -14.32 10.91 23.28
CA ALA A 470 -14.58 11.73 22.10
C ALA A 470 -15.96 12.37 22.16
N VAL A 471 -16.96 11.63 22.65
CA VAL A 471 -18.32 12.15 22.76
C VAL A 471 -18.39 13.25 23.83
N ARG A 472 -17.69 13.06 24.95
CA ARG A 472 -17.63 14.10 25.97
C ARG A 472 -16.90 15.34 25.48
N ARG A 473 -15.83 15.17 24.70
CA ARG A 473 -15.12 16.31 24.12
C ARG A 473 -15.99 17.07 23.13
N ILE A 474 -16.75 16.34 22.31
CA ILE A 474 -17.69 16.95 21.36
C ILE A 474 -18.79 17.70 22.11
N HIS A 475 -19.27 17.13 23.22
CA HIS A 475 -20.31 17.77 24.02
C HIS A 475 -19.81 19.05 24.67
N GLU A 476 -18.58 19.04 25.19
CA GLU A 476 -18.00 20.24 25.78
C GLU A 476 -17.76 21.32 24.73
N GLY A 477 -17.30 20.93 23.54
CA GLY A 477 -17.13 21.89 22.46
C GLY A 477 -18.43 22.48 21.98
N GLN A 478 -19.49 21.66 21.94
CA GLN A 478 -20.81 22.16 21.56
C GLN A 478 -21.35 23.12 22.60
N ASN A 479 -21.11 22.85 23.89
CA ASN A 479 -21.54 23.77 24.94
C ASN A 479 -20.79 25.10 24.86
N ARG A 480 -19.49 25.05 24.59
CA ARG A 480 -18.71 26.29 24.46
C ARG A 480 -19.13 27.09 23.23
N THR A 481 -19.40 26.41 22.11
CA THR A 481 -19.87 27.08 20.91
C THR A 481 -21.26 27.67 21.12
N LEU A 482 -22.10 26.98 21.89
CA LEU A 482 -23.44 27.50 22.19
C LEU A 482 -23.37 28.74 23.07
N ASN A 483 -22.46 28.75 24.05
CA ASN A 483 -22.29 29.94 24.87
C ASN A 483 -21.67 31.08 24.08
N MET A 484 -20.88 30.77 23.04
CA MET A 484 -20.39 31.81 22.16
C MET A 484 -21.52 32.38 21.30
N LEU A 485 -22.36 31.50 20.76
CA LEU A 485 -23.45 31.92 19.87
C LEU A 485 -24.59 32.59 20.62
N LYS A 486 -24.66 32.42 21.94
CA LYS A 486 -25.70 33.08 22.71
C LYS A 486 -25.40 34.56 22.97
N SER A 487 -24.17 35.00 22.70
CA SER A 487 -23.76 36.39 22.89
C SER A 487 -23.20 36.96 21.60
N ASP A 488 -23.72 36.51 20.46
CA ASP A 488 -23.38 37.04 19.15
C ASP A 488 -24.57 37.85 18.67
N ARG A 489 -24.30 39.02 18.06
CA ARG A 489 -25.34 40.00 17.81
C ARG A 489 -26.31 39.54 16.74
N PHE A 490 -25.83 38.83 15.73
CA PHE A 490 -26.71 38.38 14.65
C PHE A 490 -27.53 37.17 15.06
N LEU A 491 -26.97 36.29 15.89
CA LEU A 491 -27.59 35.02 16.20
C LEU A 491 -28.11 34.90 17.63
N ALA A 492 -28.35 36.01 18.31
CA ALA A 492 -28.83 35.94 19.69
C ALA A 492 -30.29 35.50 19.76
N ASP A 493 -31.10 35.96 18.81
CA ASP A 493 -32.54 35.73 18.88
C ASP A 493 -32.97 34.35 18.40
N ALA A 494 -32.03 33.49 18.02
CA ALA A 494 -32.39 32.17 17.52
C ALA A 494 -32.92 31.30 18.65
N ASP A 495 -33.91 30.47 18.34
CA ASP A 495 -34.47 29.58 19.34
C ASP A 495 -33.45 28.48 19.61
N TRP A 496 -33.14 28.29 20.88
CA TRP A 496 -32.06 27.41 21.28
C TRP A 496 -32.52 26.00 21.63
N ASP A 497 -33.81 25.79 21.85
CA ASP A 497 -34.32 24.44 22.08
C ASP A 497 -34.17 23.58 20.82
N ILE A 498 -34.47 24.15 19.65
CA ILE A 498 -34.25 23.45 18.40
C ILE A 498 -32.76 23.27 18.14
N ALA A 499 -31.95 24.23 18.57
CA ALA A 499 -30.49 24.13 18.40
C ALA A 499 -29.90 22.99 19.22
N THR A 500 -30.32 22.83 20.48
CA THR A 500 -29.83 21.71 21.28
C THR A 500 -30.45 20.39 20.85
N ALA A 501 -31.67 20.42 20.31
CA ALA A 501 -32.27 19.18 19.82
C ALA A 501 -31.56 18.68 18.56
N ALA A 502 -31.17 19.59 17.67
CA ALA A 502 -30.49 19.17 16.45
C ALA A 502 -29.03 18.86 16.70
N CYS A 503 -28.33 19.71 17.44
CA CYS A 503 -26.90 19.55 17.68
C CYS A 503 -26.68 18.79 18.99
N GLU A 504 -26.94 17.48 18.93
CA GLU A 504 -26.81 16.60 20.09
C GLU A 504 -26.22 15.28 19.63
N ILE A 505 -24.89 15.16 19.75
CA ILE A 505 -24.22 13.91 19.44
C ILE A 505 -24.22 13.02 20.68
N SER A 506 -24.73 11.80 20.51
CA SER A 506 -24.75 10.82 21.59
C SER A 506 -23.83 9.68 21.25
N ASP A 507 -23.35 8.98 22.28
CA ASP A 507 -22.43 7.87 22.07
C ASP A 507 -23.14 6.69 21.43
N PRO A 508 -22.61 6.12 20.36
CA PRO A 508 -23.30 4.99 19.70
C PRO A 508 -23.30 3.73 20.54
N TYR A 509 -22.23 3.49 21.31
CA TYR A 509 -22.11 2.25 22.05
C TYR A 509 -23.00 2.25 23.29
N SER A 510 -23.12 3.40 23.93
CA SER A 510 -23.95 3.64 25.13
C SER A 510 -23.65 2.68 26.29
N ALA A 520 -18.72 -10.81 34.82
CA ALA A 520 -17.26 -10.81 34.83
C ALA A 520 -16.72 -9.53 34.21
N ASP A 521 -17.50 -8.96 33.28
CA ASP A 521 -17.11 -7.71 32.64
C ASP A 521 -17.10 -6.55 33.64
N GLU A 522 -18.10 -6.52 34.54
CA GLU A 522 -18.13 -5.50 35.57
C GLU A 522 -16.97 -5.65 36.55
N LEU A 523 -16.61 -6.89 36.89
CA LEU A 523 -15.48 -7.14 37.77
C LEU A 523 -14.16 -6.74 37.11
N THR A 524 -14.01 -7.01 35.82
CA THR A 524 -12.81 -6.62 35.09
C THR A 524 -12.70 -5.10 34.97
N LEU A 525 -13.82 -4.43 34.69
CA LEU A 525 -13.82 -2.96 34.63
C LEU A 525 -13.54 -2.34 35.99
N GLY A 526 -14.07 -2.94 37.05
CA GLY A 526 -13.77 -2.47 38.39
C GLY A 526 -12.32 -2.67 38.78
N GLU A 527 -11.72 -3.79 38.35
CA GLU A 527 -10.30 -4.01 38.60
C GLU A 527 -9.44 -3.03 37.81
N ARG A 528 -9.80 -2.76 36.55
CA ARG A 528 -9.03 -1.83 35.74
C ARG A 528 -9.15 -0.40 36.26
N LYS A 529 -10.31 -0.03 36.79
CA LYS A 529 -10.42 1.27 37.45
C LYS A 529 -9.76 1.26 38.83
N SER A 530 -9.63 0.08 39.45
CA SER A 530 -8.96 -0.01 40.75
C SER A 530 -7.46 0.13 40.64
N VAL A 531 -6.88 -0.28 39.52
CA VAL A 531 -5.44 -0.03 39.27
C VAL A 531 -5.33 1.36 38.63
N CYS A 532 -5.41 2.37 39.50
CA CYS A 532 -5.31 3.77 39.12
C CYS A 532 -4.92 4.59 40.35
N PRO A 533 -3.62 4.77 40.61
CA PRO A 533 -3.19 5.68 41.69
C PRO A 533 -2.96 7.11 41.20
N GLY A 534 -4.02 7.74 40.70
CA GLY A 534 -3.94 9.03 40.06
C GLY A 534 -4.45 10.17 40.92
N CYS A 535 -4.86 11.24 40.24
CA CYS A 535 -5.35 12.46 40.89
C CYS A 535 -6.82 12.38 41.25
N LYS A 536 -7.50 11.27 40.92
CA LYS A 536 -8.88 11.10 41.32
C LYS A 536 -9.01 10.92 42.82
N ALA A 537 -8.06 10.21 43.43
CA ALA A 537 -8.06 9.97 44.86
C ALA A 537 -6.74 10.44 45.45
N MET A 538 -6.81 11.08 46.61
CA MET A 538 -5.65 11.60 47.31
C MET A 538 -5.41 10.83 48.63
N VAL A 539 -4.73 9.69 48.49
CA VAL A 539 -4.37 8.85 49.63
C VAL A 539 -2.88 8.54 49.55
N PRO A 540 -2.07 9.06 50.47
CA PRO A 540 -0.65 8.69 50.49
C PRO A 540 -0.44 7.33 51.14
N ASN A 541 0.45 6.54 50.54
CA ASN A 541 0.68 5.18 50.99
C ASN A 541 2.07 4.73 50.55
N GLU A 542 2.33 3.44 50.69
CA GLU A 542 3.57 2.79 50.27
C GLU A 542 3.22 1.61 49.38
N PRO A 543 3.93 1.45 48.25
CA PRO A 543 3.60 0.34 47.34
C PRO A 543 3.94 -1.02 47.93
N SER A 544 3.11 -2.01 47.58
CA SER A 544 3.03 -3.44 47.83
C SER A 544 3.53 -4.21 46.61
N PRO A 545 4.13 -5.39 46.81
CA PRO A 545 4.61 -6.18 45.65
C PRO A 545 3.51 -6.60 44.67
N ARG A 546 2.32 -6.95 45.16
CA ARG A 546 1.21 -7.19 44.25
C ARG A 546 0.74 -5.90 43.61
N GLU A 547 0.71 -4.82 44.39
CA GLU A 547 0.43 -3.51 43.82
C GLU A 547 1.54 -3.06 42.88
N PHE A 548 2.78 -3.51 43.12
CA PHE A 548 3.86 -3.25 42.17
C PHE A 548 3.64 -4.01 40.87
N ALA A 549 3.09 -5.23 40.95
CA ALA A 549 2.76 -5.97 39.73
C ALA A 549 1.67 -5.28 38.93
N ASP A 550 0.63 -4.79 39.62
CA ASP A 550 -0.42 -4.05 38.92
C ASP A 550 0.10 -2.73 38.36
N MET A 551 1.04 -2.08 39.06
CA MET A 551 1.61 -0.84 38.52
C MET A 551 2.51 -1.11 37.32
N MET A 552 3.23 -2.24 37.34
CA MET A 552 4.00 -2.69 36.18
C MET A 552 3.10 -2.90 34.98
N GLU A 553 1.98 -3.60 35.18
CA GLU A 553 1.05 -3.87 34.09
C GLU A 553 0.40 -2.60 33.58
N GLU A 554 0.00 -1.70 34.49
CA GLU A 554 -0.65 -0.47 34.07
C GLU A 554 0.32 0.45 33.32
N ALA A 555 1.58 0.50 33.77
CA ALA A 555 2.60 1.26 33.06
C ALA A 555 2.87 0.69 31.68
N ARG A 556 2.88 -0.63 31.55
CA ARG A 556 3.14 -1.25 30.26
C ARG A 556 2.00 -1.00 29.27
N LEU A 557 0.74 -1.14 29.72
CA LEU A 557 -0.38 -0.79 28.85
C LEU A 557 -0.44 0.70 28.53
N ARG A 558 -0.05 1.58 29.46
CA ARG A 558 -0.02 3.00 29.12
C ARG A 558 1.07 3.32 28.11
N MET A 559 2.22 2.65 28.19
CA MET A 559 3.25 2.79 27.17
C MET A 559 2.76 2.33 25.80
N LEU A 560 2.11 1.17 25.73
CA LEU A 560 1.69 0.65 24.43
C LEU A 560 0.53 1.47 23.84
N LYS A 561 -0.37 1.95 24.70
CA LYS A 561 -1.44 2.82 24.22
C LYS A 561 -0.89 4.15 23.71
N ALA A 562 0.09 4.73 24.42
CA ALA A 562 0.71 5.98 23.97
C ALA A 562 1.50 5.77 22.68
N GLU A 563 2.07 4.58 22.50
CA GLU A 563 2.75 4.27 21.26
C GLU A 563 1.76 4.14 20.10
N LYS A 564 0.58 3.59 20.36
CA LYS A 564 -0.45 3.54 19.33
C LYS A 564 -0.92 4.93 18.94
N ILE A 565 -1.07 5.84 19.92
CA ILE A 565 -1.39 7.24 19.59
C ILE A 565 -0.25 7.89 18.80
N SER A 566 1.01 7.54 19.12
CA SER A 566 2.14 8.09 18.36
C SER A 566 2.12 7.63 16.91
N TYR A 567 1.77 6.37 16.69
CA TYR A 567 1.71 5.84 15.33
C TYR A 567 0.56 6.46 14.55
N TRP A 568 -0.60 6.67 15.19
CA TRP A 568 -1.70 7.32 14.49
C TRP A 568 -1.43 8.79 14.23
N LYS A 569 -0.72 9.46 15.14
CA LYS A 569 -0.31 10.85 14.90
C LYS A 569 0.69 10.94 13.76
N GLN A 570 1.57 9.95 13.64
CA GLN A 570 2.50 9.92 12.52
C GLN A 570 1.78 9.65 11.22
N PHE A 571 0.72 8.85 11.25
CA PHE A 571 -0.04 8.59 10.02
C PHE A 571 -0.81 9.84 9.60
N GLU A 572 -1.42 10.55 10.55
CA GLU A 572 -2.27 11.69 10.22
C GLU A 572 -1.49 12.89 9.72
N HIS A 573 -0.18 12.93 9.91
CA HIS A 573 0.64 14.05 9.47
C HIS A 573 1.39 13.74 8.19
N GLY A 574 1.03 12.66 7.49
CA GLY A 574 1.65 12.29 6.23
C GLY A 574 3.09 11.86 6.33
N MET A 575 3.47 11.21 7.44
CA MET A 575 4.82 10.69 7.62
C MET A 575 4.88 9.18 7.51
N LEU A 576 4.04 8.47 8.25
CA LEU A 576 3.96 7.02 8.12
C LEU A 576 3.23 6.63 6.84
N ALA A 577 3.56 5.44 6.34
CA ALA A 577 2.73 4.79 5.35
C ALA A 577 1.60 4.07 6.06
N ARG A 578 0.61 3.63 5.28
CA ARG A 578 -0.55 2.98 5.86
C ARG A 578 -0.24 1.56 6.29
N GLU A 579 0.51 0.83 5.46
CA GLU A 579 0.84 -0.56 5.77
C GLU A 579 1.84 -0.63 6.93
N ALA A 580 2.76 0.33 6.98
CA ALA A 580 3.68 0.45 8.11
C ALA A 580 2.93 0.75 9.40
N LEU A 581 1.92 1.62 9.32
CA LEU A 581 1.07 1.91 10.47
C LEU A 581 0.34 0.66 10.94
N ARG A 582 -0.20 -0.12 10.00
CA ARG A 582 -0.90 -1.35 10.37
C ARG A 582 0.04 -2.35 11.02
N LEU A 583 1.28 -2.47 10.53
CA LEU A 583 2.24 -3.38 11.15
C LEU A 583 2.62 -2.93 12.55
N LEU A 584 2.88 -1.63 12.74
CA LEU A 584 3.27 -1.14 14.05
C LEU A 584 2.13 -1.25 15.07
N VAL A 585 0.91 -0.93 14.63
CA VAL A 585 -0.25 -1.00 15.51
C VAL A 585 -0.58 -2.45 15.87
N GLN A 586 -0.44 -3.35 14.87
CA GLN A 586 -0.66 -4.78 15.11
C GLN A 586 0.37 -5.33 16.08
N HIS A 587 1.64 -4.93 15.95
CA HIS A 587 2.67 -5.39 16.87
C HIS A 587 2.45 -4.82 18.26
N ALA A 588 1.96 -3.58 18.35
CA ALA A 588 1.65 -2.99 19.65
C ALA A 588 0.51 -3.72 20.35
N GLU A 589 -0.55 -4.08 19.60
CA GLU A 589 -1.68 -4.76 20.23
C GLU A 589 -1.35 -6.22 20.54
N VAL A 590 -0.43 -6.82 19.76
CA VAL A 590 0.01 -8.18 20.06
C VAL A 590 0.86 -8.18 21.32
N ALA A 591 1.70 -7.15 21.49
CA ALA A 591 2.42 -6.98 22.75
C ALA A 591 1.48 -6.69 23.90
N ALA A 592 0.38 -5.98 23.63
CA ALA A 592 -0.58 -5.64 24.68
C ALA A 592 -1.32 -6.87 25.17
N ASP A 593 -1.59 -7.83 24.28
CA ASP A 593 -2.34 -9.01 24.69
C ASP A 593 -1.51 -10.00 25.51
N GLU A 594 -0.20 -9.83 25.59
CA GLU A 594 0.65 -10.81 26.25
C GLU A 594 0.87 -10.30 27.68
N LYS A 595 1.66 -10.99 28.49
CA LYS A 595 1.81 -10.66 29.91
C LYS A 595 2.74 -9.46 30.11
N ASP A 596 3.98 -9.57 29.66
CA ASP A 596 5.01 -8.61 30.01
C ASP A 596 5.73 -8.14 28.73
N GLN A 597 5.27 -8.62 27.58
CA GLN A 597 5.93 -8.39 26.32
C GLN A 597 5.69 -6.95 25.85
N PHE A 598 6.77 -6.20 25.67
CA PHE A 598 6.72 -4.91 25.00
C PHE A 598 6.80 -5.12 23.50
N ILE A 599 6.78 -4.03 22.74
CA ILE A 599 6.96 -4.15 21.30
C ILE A 599 8.45 -4.39 21.06
N LEU A 600 8.79 -5.62 20.67
CA LEU A 600 10.17 -6.04 20.61
C LEU A 600 10.80 -5.61 19.28
N VAL A 601 12.09 -5.87 19.14
CA VAL A 601 12.78 -5.53 17.91
C VAL A 601 12.85 -6.72 16.96
N ASP A 602 12.83 -7.95 17.50
CA ASP A 602 12.89 -9.14 16.66
C ASP A 602 11.63 -9.30 15.83
N ASP A 603 10.49 -8.94 16.38
CA ASP A 603 9.25 -8.95 15.63
C ASP A 603 9.10 -7.77 14.68
N LEU A 604 9.98 -6.78 14.77
CA LEU A 604 9.99 -5.67 13.83
C LEU A 604 11.06 -5.80 12.75
N LYS A 605 12.06 -6.66 12.95
CA LYS A 605 13.09 -6.87 11.94
C LYS A 605 12.57 -7.54 10.68
N LYS A 606 11.45 -8.27 10.77
CA LYS A 606 10.88 -8.93 9.62
C LYS A 606 10.34 -7.94 8.59
N SER A 607 10.05 -6.70 9.00
CA SER A 607 9.59 -5.69 8.06
C SER A 607 10.71 -5.29 7.10
N TRP A 608 11.94 -5.17 7.59
CA TRP A 608 13.06 -4.78 6.74
C TRP A 608 13.99 -5.94 6.43
N GLN A 609 13.48 -7.16 6.46
CA GLN A 609 14.24 -8.31 5.99
C GLN A 609 14.28 -8.25 4.47
N ILE A 610 15.37 -7.68 3.92
CA ILE A 610 15.52 -7.55 2.48
C ILE A 610 15.77 -8.87 1.78
N LYS A 611 16.16 -9.91 2.53
CA LYS A 611 16.59 -11.17 1.93
C LYS A 611 15.42 -11.90 1.28
N GLY A 612 15.72 -12.62 0.21
CA GLY A 612 14.70 -13.34 -0.52
C GLY A 612 15.17 -13.68 -1.92
N ILE A 613 14.20 -13.89 -2.80
CA ILE A 613 14.47 -14.18 -4.20
C ILE A 613 15.13 -13.00 -4.89
N TYR A 614 14.73 -11.78 -4.51
CA TYR A 614 15.12 -10.60 -5.27
C TYR A 614 16.58 -10.17 -5.09
N PRO A 615 17.20 -10.16 -3.90
CA PRO A 615 18.65 -9.89 -3.86
C PRO A 615 19.50 -10.92 -4.57
N TRP A 616 19.09 -12.20 -4.56
CA TRP A 616 19.85 -13.22 -5.28
C TRP A 616 19.75 -12.99 -6.78
N LEU A 617 18.55 -12.68 -7.28
CA LEU A 617 18.39 -12.33 -8.69
C LEU A 617 19.20 -11.10 -9.05
N LYS A 618 19.19 -10.07 -8.20
CA LYS A 618 19.92 -8.84 -8.49
C LYS A 618 21.42 -9.08 -8.55
N ARG A 619 21.96 -9.86 -7.60
CA ARG A 619 23.39 -10.12 -7.58
C ARG A 619 23.84 -10.95 -8.77
N LYS A 620 23.05 -11.97 -9.15
CA LYS A 620 23.44 -12.76 -10.32
C LYS A 620 23.32 -11.98 -11.62
N LEU A 621 22.32 -11.11 -11.77
CA LEU A 621 22.22 -10.36 -13.03
C LEU A 621 23.27 -9.25 -13.10
N GLU A 622 23.65 -8.67 -11.95
CA GLU A 622 24.83 -7.81 -11.91
C GLU A 622 26.07 -8.56 -12.32
N ASP A 623 26.18 -9.84 -11.94
CA ASP A 623 27.35 -10.62 -12.32
C ASP A 623 27.36 -10.95 -13.82
N LEU A 624 26.18 -11.13 -14.41
CA LEU A 624 26.15 -11.36 -15.87
C LEU A 624 26.50 -10.10 -16.65
N ILE A 625 25.99 -8.93 -16.26
CA ILE A 625 26.23 -7.71 -17.04
C ILE A 625 27.25 -6.81 -16.29
N SER A 626 28.22 -7.43 -15.62
CA SER A 626 29.28 -6.64 -14.99
C SER A 626 30.21 -6.05 -16.03
N GLU A 627 30.57 -6.83 -17.05
CA GLU A 627 31.49 -6.50 -18.14
C GLU A 627 32.86 -6.16 -17.53
N LYS A 628 33.57 -5.16 -18.06
CA LYS A 628 34.91 -4.83 -17.58
C LYS A 628 35.20 -3.36 -17.86
N LEU A 643 40.37 4.87 -32.25
CA LEU A 643 40.10 4.60 -33.67
C LEU A 643 38.65 4.16 -33.86
N MET A 644 38.44 2.84 -33.75
CA MET A 644 37.10 2.30 -33.96
C MET A 644 36.39 2.11 -32.63
N TYR A 645 37.09 2.38 -31.53
CA TYR A 645 36.50 2.23 -30.20
C TYR A 645 35.47 3.33 -29.92
N LYS A 646 35.68 4.53 -30.48
CA LYS A 646 34.92 5.70 -30.03
C LYS A 646 33.45 5.64 -30.44
N ILE A 647 33.15 5.01 -31.58
CA ILE A 647 31.76 4.86 -31.99
C ILE A 647 31.03 3.85 -31.09
N CYS A 648 31.76 2.85 -30.60
CA CYS A 648 31.19 1.97 -29.58
C CYS A 648 31.03 2.71 -28.26
N HIS A 649 31.94 3.65 -27.99
CA HIS A 649 31.92 4.39 -26.72
C HIS A 649 30.72 5.33 -26.65
N HIS A 650 30.24 5.79 -27.80
CA HIS A 650 29.05 6.65 -27.83
C HIS A 650 27.79 5.88 -27.43
N MET A 651 27.81 4.56 -27.58
CA MET A 651 26.76 3.58 -27.28
C MET A 651 25.52 3.75 -28.16
N ALA A 652 25.54 4.67 -29.14
CA ALA A 652 24.41 4.80 -30.06
C ALA A 652 24.41 3.71 -31.12
N PHE A 653 25.50 2.95 -31.24
CA PHE A 653 25.47 1.80 -32.13
C PHE A 653 24.56 0.70 -31.58
N GLU A 654 24.55 0.53 -30.26
CA GLU A 654 23.90 -0.64 -29.65
C GLU A 654 22.38 -0.56 -29.80
N VAL A 655 21.81 0.64 -29.71
CA VAL A 655 20.38 0.79 -29.93
C VAL A 655 20.03 0.56 -31.39
N THR A 656 20.95 0.89 -32.31
CA THR A 656 20.67 0.66 -33.74
C THR A 656 20.71 -0.83 -34.07
N ILE A 657 21.70 -1.56 -33.53
CA ILE A 657 21.69 -3.02 -33.68
C ILE A 657 20.49 -3.65 -32.95
N ASN A 658 20.03 -3.09 -31.83
CA ASN A 658 18.86 -3.68 -31.17
C ASN A 658 17.56 -3.46 -31.96
N ILE A 659 17.39 -2.26 -32.54
CA ILE A 659 16.25 -2.03 -33.42
C ILE A 659 16.36 -2.90 -34.67
N ALA A 660 17.59 -3.09 -35.16
CA ALA A 660 17.84 -4.01 -36.25
C ALA A 660 17.54 -5.45 -35.86
N ILE A 661 17.75 -5.78 -34.57
CA ILE A 661 17.42 -7.11 -34.06
C ILE A 661 15.93 -7.35 -34.14
N VAL A 662 15.13 -6.38 -33.69
CA VAL A 662 13.68 -6.61 -33.66
C VAL A 662 13.10 -6.56 -35.09
N LEU A 663 13.69 -5.73 -35.97
CA LEU A 663 13.26 -5.69 -37.36
C LEU A 663 13.77 -6.90 -38.12
N ASN A 664 14.74 -7.61 -37.54
CA ASN A 664 15.12 -8.90 -38.09
C ASN A 664 14.19 -9.96 -37.52
N ILE A 665 13.77 -9.80 -36.25
CA ILE A 665 12.99 -10.84 -35.56
C ILE A 665 11.64 -11.07 -36.23
N VAL A 666 10.83 -10.00 -36.38
CA VAL A 666 9.43 -10.17 -36.77
C VAL A 666 9.25 -10.77 -38.17
N PRO A 667 9.95 -10.32 -39.23
CA PRO A 667 9.71 -10.97 -40.53
C PRO A 667 10.30 -12.37 -40.69
N ILE A 668 11.31 -12.79 -39.91
CA ILE A 668 11.70 -14.19 -40.02
C ILE A 668 10.72 -15.08 -39.27
N ILE A 669 10.00 -14.53 -38.29
CA ILE A 669 8.82 -15.24 -37.78
C ILE A 669 7.74 -15.34 -38.85
N MET A 670 7.61 -14.30 -39.69
CA MET A 670 6.68 -14.40 -40.83
C MET A 670 7.13 -15.46 -41.83
N GLU A 671 8.44 -15.58 -42.04
CA GLU A 671 8.97 -16.56 -42.98
C GLU A 671 8.85 -17.99 -42.41
N PHE A 672 9.01 -18.11 -41.09
CA PHE A 672 8.64 -19.33 -40.37
C PHE A 672 7.18 -19.68 -40.60
N VAL A 673 6.30 -18.68 -40.54
CA VAL A 673 4.87 -18.89 -40.74
C VAL A 673 4.60 -19.36 -42.17
N VAL A 674 5.29 -18.78 -43.15
CA VAL A 674 4.96 -19.11 -44.54
C VAL A 674 5.52 -20.50 -44.91
N GLN A 675 6.65 -20.91 -44.33
CA GLN A 675 7.07 -22.29 -44.60
C GLN A 675 6.30 -23.29 -43.74
N ASP A 676 5.69 -22.81 -42.66
CA ASP A 676 4.70 -23.65 -41.97
C ASP A 676 3.47 -23.86 -42.83
N LYS A 677 3.06 -22.83 -43.57
CA LYS A 677 2.01 -22.98 -44.57
C LYS A 677 2.42 -23.94 -45.67
N MET A 678 3.66 -23.85 -46.13
CA MET A 678 4.17 -24.83 -47.09
C MET A 678 4.40 -26.20 -46.45
N GLN A 699 4.47 -18.15 -52.78
CA GLN A 699 4.06 -17.08 -53.70
C GLN A 699 5.29 -16.29 -54.15
N LYS A 700 5.41 -16.19 -55.50
CA LYS A 700 6.61 -15.68 -56.22
C LYS A 700 7.92 -16.19 -55.61
N ILE A 701 7.95 -17.52 -55.39
CA ILE A 701 8.95 -18.27 -54.64
C ILE A 701 9.12 -17.61 -53.26
N GLU A 702 7.99 -17.41 -52.56
CA GLU A 702 7.85 -16.63 -51.31
C GLU A 702 8.69 -15.34 -51.30
N ASP A 703 8.41 -14.48 -52.29
CA ASP A 703 9.13 -13.21 -52.52
C ASP A 703 10.63 -13.41 -52.75
N ALA A 704 10.97 -14.45 -53.53
CA ALA A 704 12.36 -14.91 -53.74
C ALA A 704 13.06 -15.15 -52.39
N LEU A 705 12.40 -15.97 -51.57
CA LEU A 705 12.77 -16.23 -50.17
C LEU A 705 12.90 -14.93 -49.38
N ARG A 706 11.99 -13.99 -49.67
CA ARG A 706 11.97 -12.64 -49.11
C ARG A 706 13.27 -11.89 -49.35
N ILE A 707 13.67 -11.84 -50.62
CA ILE A 707 14.91 -11.29 -51.14
C ILE A 707 16.07 -11.93 -50.37
N SER A 708 15.98 -13.26 -50.21
CA SER A 708 16.88 -14.06 -49.36
C SER A 708 16.98 -13.51 -47.93
N ASN A 709 15.82 -13.20 -47.34
CA ASN A 709 15.67 -12.59 -46.01
C ASN A 709 16.42 -11.27 -45.91
N TYR A 710 16.21 -10.42 -46.92
CA TYR A 710 17.00 -9.20 -47.19
C TYR A 710 18.49 -9.51 -47.23
N VAL A 711 18.84 -10.63 -47.86
CA VAL A 711 20.19 -11.24 -47.90
C VAL A 711 20.66 -11.40 -46.46
N PHE A 712 19.79 -11.95 -45.62
CA PHE A 712 19.93 -12.06 -44.17
C PHE A 712 20.30 -10.73 -43.52
N PHE A 713 19.49 -9.70 -43.84
CA PHE A 713 19.66 -8.32 -43.38
C PHE A 713 21.05 -7.79 -43.74
N VAL A 714 21.42 -8.00 -45.02
CA VAL A 714 22.72 -7.70 -45.64
C VAL A 714 23.82 -8.36 -44.80
N ILE A 715 23.56 -9.62 -44.43
CA ILE A 715 24.40 -10.53 -43.65
C ILE A 715 24.68 -9.80 -42.32
N TYR A 716 23.59 -9.40 -41.67
CA TYR A 716 23.57 -8.74 -40.36
C TYR A 716 24.36 -7.42 -40.38
N ALA A 717 24.07 -6.59 -41.39
CA ALA A 717 24.76 -5.32 -41.65
C ALA A 717 26.27 -5.51 -41.79
N ILE A 718 26.65 -6.50 -42.61
CA ILE A 718 28.02 -6.98 -42.83
C ILE A 718 28.62 -7.37 -41.49
N GLU A 719 27.83 -8.07 -40.66
CA GLU A 719 28.16 -8.45 -39.28
C GLU A 719 28.55 -7.23 -38.44
N ALA A 720 27.71 -6.20 -38.50
CA ALA A 720 27.94 -4.89 -37.87
C ALA A 720 29.26 -4.28 -38.31
N ILE A 721 29.46 -4.25 -39.63
CA ILE A 721 30.67 -3.78 -40.32
C ILE A 721 31.89 -4.52 -39.77
N VAL A 722 31.78 -5.85 -39.72
CA VAL A 722 32.77 -6.82 -39.22
C VAL A 722 33.11 -6.44 -37.79
N LYS A 723 32.06 -6.19 -37.00
CA LYS A 723 32.14 -5.76 -35.60
C LYS A 723 32.98 -4.51 -35.44
N ILE A 724 32.75 -3.57 -36.36
CA ILE A 724 33.52 -2.36 -36.58
C ILE A 724 34.99 -2.77 -36.76
N LEU A 725 35.20 -3.68 -37.71
CA LEU A 725 36.48 -4.21 -38.21
C LEU A 725 37.32 -4.88 -37.12
N GLY A 726 36.70 -5.54 -36.15
CA GLY A 726 37.43 -6.36 -35.22
C GLY A 726 38.14 -5.58 -34.13
N LEU A 727 37.38 -4.94 -33.25
CA LEU A 727 37.95 -4.13 -32.18
C LEU A 727 38.54 -5.04 -31.10
N GLY A 728 39.73 -5.55 -31.41
CA GLY A 728 40.71 -6.15 -30.49
C GLY A 728 40.27 -7.01 -29.33
N ARG A 729 40.87 -6.73 -28.17
CA ARG A 729 40.58 -7.51 -26.97
C ARG A 729 39.17 -7.26 -26.45
N HIS A 730 38.59 -6.10 -26.78
CA HIS A 730 37.22 -5.80 -26.39
C HIS A 730 36.22 -6.73 -27.07
N TYR A 731 36.50 -7.12 -28.31
CA TYR A 731 35.73 -8.17 -28.95
C TYR A 731 36.20 -9.56 -28.56
N ILE A 732 37.48 -9.70 -28.19
CA ILE A 732 38.03 -11.03 -27.91
C ILE A 732 37.50 -11.60 -26.60
N VAL A 733 37.45 -10.81 -25.53
CA VAL A 733 37.21 -11.40 -24.20
C VAL A 733 35.74 -11.59 -23.86
N SER A 734 34.82 -10.97 -24.60
CA SER A 734 33.41 -10.98 -24.22
C SER A 734 32.74 -12.24 -24.74
N HIS A 735 32.09 -12.97 -23.84
CA HIS A 735 31.34 -14.17 -24.23
C HIS A 735 30.10 -13.81 -25.03
N TRP A 736 29.53 -12.63 -24.77
CA TRP A 736 28.47 -12.12 -25.61
C TRP A 736 28.97 -11.88 -27.03
N ASN A 737 30.18 -11.32 -27.16
CA ASN A 737 30.80 -11.19 -28.47
C ASN A 737 31.19 -12.55 -29.05
N LYS A 738 31.42 -13.56 -28.20
CA LYS A 738 31.68 -14.90 -28.70
C LYS A 738 30.43 -15.50 -29.34
N PHE A 739 29.26 -15.31 -28.74
CA PHE A 739 28.10 -15.77 -29.48
C PHE A 739 27.66 -14.86 -30.62
N ASP A 740 28.06 -13.58 -30.68
CA ASP A 740 27.88 -12.90 -31.97
C ASP A 740 28.81 -13.46 -33.05
N ALA A 741 29.99 -13.94 -32.65
CA ALA A 741 30.84 -14.67 -33.61
C ALA A 741 30.17 -15.96 -34.06
N PHE A 742 29.49 -16.65 -33.13
CA PHE A 742 28.70 -17.83 -33.48
C PHE A 742 27.58 -17.48 -34.44
N ILE A 743 26.95 -16.32 -34.24
CA ILE A 743 25.91 -15.82 -35.13
C ILE A 743 26.47 -15.61 -36.54
N LEU A 744 27.64 -15.00 -36.64
CA LEU A 744 28.20 -14.70 -37.96
C LEU A 744 28.64 -15.97 -38.69
N VAL A 745 29.18 -16.96 -37.97
CA VAL A 745 29.55 -18.19 -38.69
C VAL A 745 28.31 -19.00 -39.08
N VAL A 746 27.24 -18.98 -38.28
CA VAL A 746 26.01 -19.68 -38.69
C VAL A 746 25.35 -18.95 -39.86
N ALA A 747 25.52 -17.63 -39.93
CA ALA A 747 25.05 -16.90 -41.10
C ALA A 747 25.89 -17.22 -42.34
N LEU A 748 27.19 -17.48 -42.16
CA LEU A 748 28.00 -17.94 -43.28
C LEU A 748 27.57 -19.34 -43.74
N VAL A 749 27.12 -20.17 -42.80
CA VAL A 749 26.56 -21.46 -43.18
C VAL A 749 25.24 -21.27 -43.93
N ASP A 750 24.49 -20.22 -43.57
CA ASP A 750 23.29 -19.87 -44.34
C ASP A 750 23.64 -19.44 -45.76
N ILE A 751 24.77 -18.73 -45.91
CA ILE A 751 25.27 -18.37 -47.24
C ILE A 751 25.62 -19.63 -48.05
N ILE A 752 26.30 -20.59 -47.43
CA ILE A 752 26.67 -21.78 -48.22
C ILE A 752 25.47 -22.69 -48.48
N ILE A 753 24.42 -22.63 -47.66
CA ILE A 753 23.19 -23.36 -47.99
C ILE A 753 22.43 -22.67 -49.12
N ALA A 754 22.43 -21.33 -49.15
CA ALA A 754 21.88 -20.63 -50.32
C ALA A 754 22.71 -20.89 -51.57
N GLU A 755 24.02 -21.11 -51.41
CA GLU A 755 24.86 -21.58 -52.51
C GLU A 755 24.44 -22.98 -52.97
N THR A 756 24.14 -23.86 -52.01
CA THR A 756 23.67 -25.22 -52.34
C THR A 756 22.32 -25.19 -53.05
N LEU A 757 21.49 -24.21 -52.73
CA LEU A 757 20.23 -24.01 -53.44
C LEU A 757 20.47 -23.50 -54.85
N SER A 767 17.32 -30.24 -48.65
CA SER A 767 16.19 -29.33 -48.61
C SER A 767 15.59 -29.27 -47.20
N SER A 768 15.35 -30.45 -46.62
CA SER A 768 14.76 -30.52 -45.29
C SER A 768 15.75 -30.07 -44.21
N ILE A 769 17.03 -30.38 -44.41
CA ILE A 769 18.05 -30.00 -43.42
C ILE A 769 18.28 -28.51 -43.45
N LYS A 770 18.03 -27.86 -44.59
CA LYS A 770 18.23 -26.42 -44.71
C LYS A 770 17.18 -25.66 -43.90
N VAL A 771 15.94 -26.13 -43.92
CA VAL A 771 14.85 -25.45 -43.23
C VAL A 771 15.01 -25.55 -41.72
N VAL A 772 15.38 -26.74 -41.23
CA VAL A 772 15.53 -26.97 -39.78
C VAL A 772 16.70 -26.17 -39.23
N LYS A 773 17.81 -26.13 -39.95
CA LYS A 773 18.94 -25.32 -39.55
C LYS A 773 18.64 -23.82 -39.65
N LEU A 774 17.77 -23.41 -40.60
CA LEU A 774 17.39 -21.99 -40.67
C LEU A 774 16.52 -21.61 -39.49
N PHE A 775 15.66 -22.56 -39.09
CA PHE A 775 14.85 -22.44 -37.87
C PHE A 775 15.74 -22.23 -36.66
N ARG A 776 16.77 -23.08 -36.52
CA ARG A 776 17.67 -22.98 -35.37
C ARG A 776 18.43 -21.66 -35.37
N LEU A 777 18.84 -21.21 -36.56
CA LEU A 777 19.49 -19.91 -36.72
C LEU A 777 18.61 -18.78 -36.21
N LEU A 778 17.35 -18.73 -36.67
CA LEU A 778 16.50 -17.59 -36.33
C LEU A 778 16.11 -17.62 -34.85
N ARG A 779 15.79 -18.80 -34.31
CA ARG A 779 15.33 -18.89 -32.93
C ARG A 779 16.46 -18.57 -31.95
N GLY A 780 17.66 -19.13 -32.21
CA GLY A 780 18.81 -18.79 -31.41
C GLY A 780 19.13 -17.31 -31.47
N LEU A 781 19.20 -16.75 -32.69
CA LEU A 781 19.47 -15.33 -32.93
C LEU A 781 18.54 -14.43 -32.12
N ARG A 782 17.23 -14.69 -32.20
CA ARG A 782 16.25 -13.89 -31.48
C ARG A 782 16.42 -13.99 -29.97
N MET A 783 16.55 -15.21 -29.43
CA MET A 783 16.55 -15.38 -27.97
C MET A 783 17.80 -14.78 -27.33
N LEU A 784 18.97 -15.14 -27.85
CA LEU A 784 20.21 -14.61 -27.26
C LEU A 784 20.50 -13.16 -27.65
N ARG A 785 19.80 -12.57 -28.61
CA ARG A 785 19.99 -11.14 -28.79
C ARG A 785 18.92 -10.31 -28.07
N LEU A 786 17.78 -10.92 -27.73
CA LEU A 786 16.87 -10.23 -26.83
C LEU A 786 17.34 -10.29 -25.38
N THR A 787 18.24 -11.24 -25.06
CA THR A 787 18.71 -11.38 -23.69
C THR A 787 19.47 -10.15 -23.19
N LYS A 788 20.32 -9.56 -24.05
CA LYS A 788 21.06 -8.36 -23.66
C LYS A 788 20.17 -7.16 -23.38
N ALA A 789 19.06 -7.02 -24.11
CA ALA A 789 18.12 -5.97 -23.77
C ALA A 789 17.31 -6.34 -22.54
N LEU A 790 17.04 -7.64 -22.36
CA LEU A 790 16.08 -8.06 -21.35
C LEU A 790 16.66 -8.03 -19.95
N ILE A 791 17.96 -8.31 -19.81
CA ILE A 791 18.56 -8.42 -18.46
C ILE A 791 18.56 -7.12 -17.67
N PRO A 792 18.94 -5.94 -18.23
CA PRO A 792 18.76 -4.71 -17.43
C PRO A 792 17.31 -4.36 -17.12
N LYS A 793 16.37 -4.76 -17.95
CA LYS A 793 14.96 -4.52 -17.64
C LYS A 793 14.53 -5.36 -16.44
N LEU A 794 15.00 -6.61 -16.36
CA LEU A 794 14.76 -7.42 -15.18
C LEU A 794 15.48 -6.85 -13.97
N ILE A 795 16.63 -6.20 -14.19
CA ILE A 795 17.37 -5.57 -13.09
C ILE A 795 16.56 -4.42 -12.51
N LEU A 796 15.95 -3.59 -13.36
CA LEU A 796 15.07 -2.53 -12.85
C LEU A 796 13.80 -3.07 -12.19
N VAL A 797 13.25 -4.18 -12.71
CA VAL A 797 12.06 -4.76 -12.07
C VAL A 797 12.39 -5.31 -10.68
N VAL A 798 13.51 -6.03 -10.56
CA VAL A 798 13.96 -6.57 -9.29
C VAL A 798 14.33 -5.44 -8.33
N ASN A 799 14.93 -4.38 -8.86
CA ASN A 799 15.27 -3.20 -8.05
C ASN A 799 14.03 -2.51 -7.54
N GLY A 800 12.95 -2.49 -8.34
CA GLY A 800 11.70 -1.94 -7.86
C GLY A 800 11.07 -2.74 -6.74
N LYS A 801 11.15 -4.07 -6.84
CA LYS A 801 10.61 -4.91 -5.77
C LYS A 801 11.40 -4.75 -4.47
N ILE A 802 12.74 -4.71 -4.59
CA ILE A 802 13.61 -4.47 -3.45
C ILE A 802 13.37 -3.08 -2.87
N ASN A 803 13.08 -2.11 -3.75
CA ASN A 803 12.78 -0.75 -3.33
C ASN A 803 11.48 -0.69 -2.53
N ASN A 804 10.47 -1.45 -2.95
CA ASN A 804 9.21 -1.48 -2.22
C ASN A 804 9.39 -2.09 -0.84
N GLN A 805 10.15 -3.19 -0.75
CA GLN A 805 10.41 -3.82 0.55
C GLN A 805 11.24 -2.91 1.46
N LEU A 806 12.23 -2.23 0.88
CA LEU A 806 13.07 -1.33 1.67
C LEU A 806 12.30 -0.09 2.12
N SER A 807 11.38 0.39 1.30
CA SER A 807 10.54 1.53 1.70
C SER A 807 9.64 1.15 2.85
N LEU A 808 9.05 -0.05 2.80
CA LEU A 808 8.23 -0.54 3.92
C LEU A 808 9.05 -0.70 5.19
N GLY A 809 10.25 -1.26 5.08
CA GLY A 809 11.09 -1.45 6.26
C GLY A 809 11.57 -0.14 6.87
N TYR A 810 11.98 0.81 6.02
CA TYR A 810 12.41 2.12 6.49
C TYR A 810 11.25 2.87 7.12
N ASP A 811 10.05 2.73 6.56
CA ASP A 811 8.87 3.39 7.12
C ASP A 811 8.51 2.81 8.49
N VAL A 812 8.60 1.49 8.64
CA VAL A 812 8.32 0.85 9.92
C VAL A 812 9.35 1.25 10.97
N GLY A 813 10.63 1.26 10.59
CA GLY A 813 11.67 1.65 11.51
C GLY A 813 11.60 3.11 11.94
N LYS A 814 11.32 4.00 10.98
CA LYS A 814 11.16 5.42 11.30
C LYS A 814 9.94 5.66 12.18
N GLY A 815 8.86 4.91 11.93
CA GLY A 815 7.68 5.02 12.78
C GLY A 815 7.96 4.60 14.21
N TYR A 816 8.68 3.48 14.39
CA TYR A 816 9.05 3.04 15.72
C TYR A 816 9.97 4.03 16.42
N ILE A 817 10.94 4.60 15.71
CA ILE A 817 11.90 5.50 16.33
C ILE A 817 11.23 6.82 16.72
N ILE A 818 10.41 7.39 15.83
CA ILE A 818 9.74 8.66 16.12
C ILE A 818 8.70 8.48 17.23
N GLY A 819 7.96 7.37 17.19
CA GLY A 819 7.02 7.08 18.26
C GLY A 819 7.72 6.82 19.59
N GLU A 820 8.89 6.19 19.54
CA GLU A 820 9.63 5.91 20.76
C GLU A 820 10.19 7.19 21.35
N GLU A 821 10.64 8.12 20.49
CA GLU A 821 11.05 9.45 20.93
C GLU A 821 9.91 10.20 21.62
N GLU A 822 8.72 10.23 21.00
CA GLU A 822 7.65 11.02 21.59
C GLU A 822 7.17 10.38 22.89
N VAL A 823 7.06 9.05 22.90
CA VAL A 823 6.63 8.33 24.08
C VAL A 823 7.65 8.45 25.21
N GLY A 824 8.95 8.44 24.89
CA GLY A 824 9.95 8.67 25.91
C GLY A 824 10.04 10.12 26.34
N LYS A 825 9.45 11.03 25.57
CA LYS A 825 9.35 12.41 26.02
C LYS A 825 8.07 12.71 26.76
N ILE A 826 7.07 11.82 26.76
CA ILE A 826 5.80 12.09 27.44
C ILE A 826 5.64 11.18 28.65
N ILE A 827 6.56 10.22 28.84
CA ILE A 827 6.39 9.08 29.75
C ILE A 827 6.42 9.55 31.21
N ASP A 828 7.00 10.71 31.47
CA ASP A 828 7.16 11.24 32.82
C ASP A 828 5.82 11.58 33.48
N ARG A 829 4.82 11.97 32.70
CA ARG A 829 3.53 12.33 33.29
C ARG A 829 2.75 11.10 33.73
N MET A 830 2.68 10.08 32.88
CA MET A 830 1.82 8.93 33.19
C MET A 830 2.40 8.03 34.27
N VAL A 831 3.72 7.93 34.35
CA VAL A 831 4.39 7.14 35.38
C VAL A 831 4.84 8.04 36.52
N ASP A 832 4.41 7.70 37.73
CA ASP A 832 4.79 8.40 38.96
C ASP A 832 5.96 7.75 39.70
N ASN A 833 6.05 6.43 39.68
CA ASN A 833 7.13 5.73 40.38
C ASN A 833 8.45 5.92 39.65
N LYS A 834 9.55 5.89 40.41
CA LYS A 834 10.85 6.22 39.84
C LYS A 834 11.57 4.99 39.26
N LYS A 835 11.57 3.87 39.98
CA LYS A 835 12.29 2.69 39.50
C LYS A 835 11.54 2.03 38.34
N ILE A 836 10.21 2.13 38.35
CA ILE A 836 9.40 1.71 37.21
C ILE A 836 9.75 2.54 35.99
N LEU A 837 9.90 3.86 36.19
CA LEU A 837 10.30 4.77 35.13
C LEU A 837 11.67 4.44 34.58
N ARG A 838 12.61 4.10 35.47
CA ARG A 838 13.97 3.77 35.05
C ARG A 838 13.99 2.50 34.20
N GLU A 839 13.24 1.48 34.61
CA GLU A 839 13.17 0.25 33.82
C GLU A 839 12.54 0.50 32.45
N LEU A 840 11.45 1.26 32.40
CA LEU A 840 10.76 1.54 31.15
C LEU A 840 11.64 2.37 30.20
N LYS A 841 12.38 3.34 30.74
CA LYS A 841 13.34 4.09 29.96
C LYS A 841 14.46 3.21 29.42
N HIS A 842 14.90 2.22 30.22
CA HIS A 842 15.98 1.34 29.77
C HIS A 842 15.56 0.48 28.58
N ILE A 843 14.37 -0.12 28.65
CA ILE A 843 13.89 -0.91 27.50
C ILE A 843 13.63 -0.01 26.28
N SER A 844 13.12 1.20 26.51
CA SER A 844 12.91 2.14 25.42
C SER A 844 14.21 2.50 24.71
N GLU A 845 15.27 2.76 25.48
CA GLU A 845 16.53 3.18 24.89
C GLU A 845 17.22 2.03 24.16
N THR A 846 17.14 0.80 24.70
CA THR A 846 17.82 -0.29 23.99
C THR A 846 17.10 -0.67 22.71
N GLY A 847 15.76 -0.58 22.70
CA GLY A 847 15.03 -0.80 21.46
C GLY A 847 15.32 0.27 20.42
N ARG A 848 15.38 1.53 20.86
CA ARG A 848 15.69 2.65 19.97
C ARG A 848 17.08 2.51 19.34
N LEU A 849 18.08 2.16 20.16
CA LEU A 849 19.44 1.98 19.67
C LEU A 849 19.55 0.83 18.69
N GLN A 850 18.85 -0.28 18.97
CA GLN A 850 18.90 -1.44 18.09
C GLN A 850 18.29 -1.10 16.73
N VAL A 851 17.15 -0.39 16.71
CA VAL A 851 16.49 -0.09 15.45
C VAL A 851 17.30 0.93 14.63
N VAL A 852 17.91 1.92 15.30
CA VAL A 852 18.75 2.90 14.60
C VAL A 852 19.97 2.22 13.98
N LYS A 853 20.64 1.33 14.73
CA LYS A 853 21.75 0.56 14.20
C LYS A 853 21.35 -0.31 13.02
N GLU A 854 20.21 -0.98 13.12
CA GLU A 854 19.82 -1.91 12.06
C GLU A 854 19.43 -1.16 10.79
N LEU A 855 18.87 0.04 10.94
CA LEU A 855 18.61 0.88 9.78
C LEU A 855 19.91 1.39 9.15
N GLY A 856 20.93 1.64 9.98
CA GLY A 856 22.23 2.03 9.44
C GLY A 856 22.89 0.94 8.62
N LEU A 857 22.92 -0.29 9.15
CA LEU A 857 23.43 -1.40 8.34
C LEU A 857 22.53 -1.71 7.15
N LEU A 858 21.24 -1.40 7.26
CA LEU A 858 20.33 -1.55 6.13
C LEU A 858 20.70 -0.60 4.99
N GLN A 859 21.08 0.62 5.33
CA GLN A 859 21.61 1.53 4.31
C GLN A 859 22.94 1.03 3.79
N ARG A 860 23.73 0.38 4.65
CA ARG A 860 25.04 -0.11 4.22
C ARG A 860 24.92 -1.28 3.25
N GLU A 861 23.85 -2.07 3.35
CA GLU A 861 23.72 -3.26 2.51
C GLU A 861 23.45 -2.90 1.05
N HIS A 862 22.35 -2.20 0.80
CA HIS A 862 22.01 -1.77 -0.56
C HIS A 862 22.14 -0.26 -0.65
N PRO A 863 23.21 0.27 -1.24
CA PRO A 863 23.42 1.72 -1.28
C PRO A 863 22.45 2.48 -2.17
N GLY A 864 22.34 2.05 -3.42
CA GLY A 864 21.58 2.80 -4.40
C GLY A 864 20.08 2.80 -4.14
N ILE A 865 19.56 1.67 -3.67
CA ILE A 865 18.14 1.56 -3.36
C ILE A 865 17.79 2.43 -2.16
N ALA A 866 18.68 2.47 -1.17
CA ALA A 866 18.44 3.31 0.01
C ALA A 866 18.52 4.78 -0.33
N VAL A 867 19.44 5.16 -1.22
CA VAL A 867 19.51 6.55 -1.67
C VAL A 867 18.26 6.91 -2.47
N SER A 868 17.73 5.95 -3.24
CA SER A 868 16.50 6.18 -3.99
C SER A 868 15.29 6.38 -3.08
N VAL A 869 15.15 5.55 -2.05
CA VAL A 869 13.99 5.70 -1.16
C VAL A 869 14.12 6.96 -0.30
N LYS A 870 15.35 7.35 0.04
CA LYS A 870 15.52 8.58 0.82
C LYS A 870 15.27 9.82 -0.02
N THR A 871 15.67 9.79 -1.29
CA THR A 871 15.35 10.89 -2.20
C THR A 871 13.86 10.99 -2.44
N ARG A 872 13.18 9.85 -2.60
CA ARG A 872 11.73 9.85 -2.79
C ARG A 872 11.01 10.39 -1.56
N GLN A 873 11.45 10.00 -0.36
CA GLN A 873 10.81 10.48 0.85
C GLN A 873 11.09 11.96 1.08
N ALA A 874 12.28 12.43 0.71
CA ALA A 874 12.60 13.84 0.88
C ALA A 874 11.79 14.72 -0.08
N ILE A 875 11.62 14.26 -1.32
CA ILE A 875 10.80 15.00 -2.28
C ILE A 875 9.34 15.00 -1.85
N ARG A 876 8.87 13.87 -1.30
CA ARG A 876 7.50 13.82 -0.79
C ARG A 876 7.29 14.74 0.40
N THR A 877 8.27 14.83 1.30
CA THR A 877 8.15 15.73 2.45
C THR A 877 8.16 17.19 2.02
N ILE A 878 9.04 17.56 1.09
CA ILE A 878 9.11 18.94 0.60
C ILE A 878 7.82 19.31 -0.14
N LEU A 879 7.29 18.38 -0.94
CA LEU A 879 6.06 18.64 -1.69
C LEU A 879 4.85 18.72 -0.76
N ASN A 880 4.82 17.91 0.30
CA ASN A 880 3.73 17.99 1.27
C ASN A 880 3.75 19.31 2.02
N HIS A 881 4.93 19.79 2.40
CA HIS A 881 4.97 21.04 3.14
C HIS A 881 4.72 22.24 2.24
N SER A 882 5.07 22.13 0.96
CA SER A 882 4.69 23.15 -0.01
C SER A 882 3.18 23.17 -0.22
N ARG A 883 2.55 22.00 -0.25
CA ARG A 883 1.09 21.93 -0.38
C ARG A 883 0.40 22.52 0.85
N GLU A 884 0.98 22.30 2.03
CA GLU A 884 0.46 22.91 3.24
C GLU A 884 0.64 24.43 3.23
N THR A 885 1.75 24.92 2.65
CA THR A 885 1.95 26.35 2.49
C THR A 885 0.92 26.96 1.54
N ILE A 886 0.61 26.24 0.46
CA ILE A 886 -0.42 26.68 -0.49
C ILE A 886 -1.78 26.73 0.19
N HIS A 887 -2.09 25.72 1.01
CA HIS A 887 -3.38 25.69 1.72
C HIS A 887 -3.47 26.80 2.76
N GLU A 888 -2.38 27.11 3.44
CA GLU A 888 -2.44 28.17 4.46
C GLU A 888 -2.44 29.55 3.80
N LEU A 889 -1.91 29.66 2.58
CA LEU A 889 -2.04 30.91 1.84
C LEU A 889 -3.45 31.09 1.30
N GLN A 890 -4.10 29.98 0.92
CA GLN A 890 -5.47 30.04 0.44
C GLN A 890 -6.44 30.34 1.58
N GLY A 891 -6.22 29.72 2.74
CA GLY A 891 -7.11 29.93 3.88
C GLY A 891 -6.95 31.28 4.54
N ALA A 892 -5.83 31.95 4.30
CA ALA A 892 -5.62 33.30 4.81
C ALA A 892 -6.14 34.37 3.87
N GLY A 893 -6.66 33.99 2.71
CA GLY A 893 -7.19 34.94 1.76
C GLY A 893 -6.17 35.66 0.92
N LEU A 894 -4.89 35.36 1.08
CA LEU A 894 -3.86 36.03 0.29
C LEU A 894 -3.79 35.51 -1.13
N LEU A 895 -4.40 34.35 -1.40
CA LEU A 895 -4.44 33.79 -2.74
C LEU A 895 -5.86 33.30 -3.02
N ASP A 896 -6.37 33.61 -4.20
CA ASP A 896 -7.70 33.21 -4.60
C ASP A 896 -7.75 31.72 -4.94
N GLU A 897 -8.95 31.22 -5.23
CA GLU A 897 -9.19 29.78 -5.31
C GLU A 897 -8.56 29.17 -6.55
N MET A 898 -8.65 29.86 -7.69
CA MET A 898 -8.19 29.28 -8.95
C MET A 898 -6.67 29.20 -9.03
N GLU A 899 -5.97 30.26 -8.60
CA GLU A 899 -4.51 30.23 -8.63
C GLU A 899 -3.94 29.23 -7.63
N ALA A 900 -4.60 29.09 -6.47
CA ALA A 900 -4.22 28.07 -5.51
C ALA A 900 -4.46 26.68 -6.09
N HIS A 901 -5.53 26.52 -6.88
CA HIS A 901 -5.80 25.24 -7.51
C HIS A 901 -4.75 24.92 -8.57
N LYS A 902 -4.26 25.92 -9.30
CA LYS A 902 -3.17 25.70 -10.25
C LYS A 902 -1.89 25.26 -9.53
N LEU A 903 -1.60 25.87 -8.38
CA LEU A 903 -0.41 25.46 -7.61
C LEU A 903 -0.56 24.04 -7.05
N GLU A 904 -1.77 23.69 -6.58
CA GLU A 904 -1.99 22.33 -6.10
C GLU A 904 -1.93 21.31 -7.23
N LEU A 905 -2.38 21.68 -8.42
CA LEU A 905 -2.26 20.79 -9.58
C LEU A 905 -0.80 20.59 -9.95
N THR A 906 0.01 21.65 -9.83
CA THR A 906 1.45 21.53 -10.08
C THR A 906 2.11 20.58 -9.10
N VAL A 907 1.82 20.72 -7.80
CA VAL A 907 2.49 19.85 -6.83
C VAL A 907 1.93 18.43 -6.89
N GLU A 908 0.69 18.26 -7.34
CA GLU A 908 0.14 16.91 -7.49
C GLU A 908 0.73 16.21 -8.70
N ILE A 909 0.97 16.96 -9.79
CA ILE A 909 1.64 16.41 -10.96
C ILE A 909 3.07 16.04 -10.62
N LYS A 910 3.74 16.85 -9.79
CA LYS A 910 5.09 16.52 -9.33
C LYS A 910 5.09 15.28 -8.43
N MET A 911 4.05 15.12 -7.60
CA MET A 911 3.96 13.91 -6.77
C MET A 911 3.73 12.67 -7.62
N LYS A 912 2.93 12.80 -8.68
CA LYS A 912 2.70 11.69 -9.59
C LYS A 912 3.95 11.34 -10.37
N ARG A 913 4.75 12.36 -10.72
CA ARG A 913 6.06 12.10 -11.33
C ARG A 913 6.98 11.41 -10.33
N LEU A 914 6.89 11.77 -9.06
CA LEU A 914 7.69 11.14 -8.02
C LEU A 914 7.31 9.68 -7.82
N MET A 915 6.04 9.34 -8.08
CA MET A 915 5.64 7.94 -8.05
C MET A 915 6.30 7.12 -9.15
N ASN A 916 6.58 7.74 -10.29
CA ASN A 916 7.36 7.11 -11.36
C ASN A 916 8.83 7.53 -11.24
N ALA A 917 9.50 7.03 -10.24
CA ALA A 917 10.87 7.41 -9.97
C ALA A 917 11.81 6.32 -10.45
N PRO A 918 13.09 6.65 -10.70
CA PRO A 918 14.10 5.60 -10.82
C PRO A 918 14.21 4.83 -9.51
N SER A 919 14.28 3.51 -9.62
CA SER A 919 14.26 2.68 -8.43
C SER A 919 15.62 2.55 -7.76
N SER A 920 16.70 2.91 -8.45
CA SER A 920 18.03 2.85 -7.86
C SER A 920 18.82 4.05 -8.34
N ILE A 921 18.77 5.13 -7.56
CA ILE A 921 19.60 6.30 -7.83
C ILE A 921 21.02 5.99 -7.35
N PRO A 922 22.04 6.19 -8.19
CA PRO A 922 23.43 5.90 -7.77
C PRO A 922 23.86 6.82 -6.64
N PRO A 923 24.68 6.32 -5.72
CA PRO A 923 25.09 7.13 -4.57
C PRO A 923 26.02 8.25 -4.98
N PRO A 924 25.89 9.43 -4.39
CA PRO A 924 26.70 10.56 -4.81
C PRO A 924 28.14 10.41 -4.35
N PRO A 925 29.09 11.06 -5.04
CA PRO A 925 30.48 11.05 -4.59
C PRO A 925 30.63 11.85 -3.31
N PRO A 926 31.71 11.63 -2.54
CA PRO A 926 31.94 12.44 -1.33
C PRO A 926 32.13 13.93 -1.59
N GLU A 927 32.54 14.32 -2.80
CA GLU A 927 32.55 15.74 -3.16
C GLU A 927 31.14 16.32 -3.15
N ASN A 928 30.18 15.56 -3.67
CA ASN A 928 28.79 16.01 -3.68
C ASN A 928 28.21 16.08 -2.28
N LEU A 929 28.60 15.15 -1.41
CA LEU A 929 28.11 15.17 -0.04
C LEU A 929 28.76 16.28 0.76
N LEU A 930 29.98 16.66 0.40
CA LEU A 930 30.58 17.84 1.02
C LEU A 930 29.91 19.11 0.52
N LYS A 931 29.42 19.09 -0.72
CA LYS A 931 28.76 20.26 -1.29
C LYS A 931 27.41 20.53 -0.64
N ASN A 932 26.63 19.48 -0.34
CA ASN A 932 25.25 19.61 0.07
C ASN A 932 25.08 19.72 1.58
N VAL A 933 26.10 20.20 2.28
CA VAL A 933 26.04 20.31 3.73
C VAL A 933 25.26 21.56 4.11
N SER A 934 24.46 21.46 5.18
CA SER A 934 23.52 22.51 5.57
C SER A 934 24.22 23.81 5.94
N TRP A 935 25.40 23.74 6.54
CA TRP A 935 26.16 24.95 6.82
C TRP A 935 27.13 25.28 5.70
N LEU A 936 27.02 24.60 4.57
CA LEU A 936 27.90 24.82 3.42
C LEU A 936 27.10 24.86 2.12
N ALA A 937 25.85 25.31 2.17
CA ALA A 937 25.00 25.20 0.98
C ALA A 937 25.18 26.39 0.05
N GLY A 938 25.15 27.60 0.58
CA GLY A 938 25.08 28.78 -0.25
C GLY A 938 26.37 29.19 -0.94
N ASP A 939 27.40 29.49 -0.15
CA ASP A 939 28.60 30.15 -0.67
C ASP A 939 29.45 29.20 -1.49
N MET A 940 29.69 29.56 -2.76
CA MET A 940 30.50 28.70 -3.63
C MET A 940 31.98 28.85 -3.34
N LYS A 941 32.44 30.07 -3.02
CA LYS A 941 33.85 30.29 -2.70
C LYS A 941 34.26 29.53 -1.45
N LEU A 942 33.36 29.46 -0.48
CA LEU A 942 33.63 28.73 0.74
C LEU A 942 33.63 27.23 0.49
N ILE A 943 32.82 26.78 -0.47
CA ILE A 943 32.87 25.39 -0.94
C ILE A 943 34.22 25.06 -1.54
N ASP A 944 34.76 25.94 -2.40
CA ASP A 944 36.09 25.72 -2.95
C ASP A 944 37.18 25.73 -1.87
N PHE A 945 37.03 26.56 -0.83
CA PHE A 945 38.05 26.56 0.21
C PHE A 945 38.01 25.26 1.01
N ILE A 946 36.80 24.76 1.33
CA ILE A 946 36.69 23.53 2.10
C ILE A 946 37.16 22.33 1.27
N LYS A 947 36.88 22.32 -0.04
CA LYS A 947 37.46 21.26 -0.88
C LYS A 947 38.97 21.36 -0.98
N ALA A 948 39.50 22.58 -0.93
CA ALA A 948 40.95 22.72 -0.90
C ALA A 948 41.56 22.30 0.43
N ARG A 949 40.78 22.25 1.51
CA ARG A 949 41.34 21.92 2.82
C ARG A 949 40.87 20.59 3.39
N ALA A 950 40.31 19.69 2.58
CA ALA A 950 39.68 18.48 3.07
C ALA A 950 40.53 17.25 2.77
N SER A 951 40.48 16.28 3.68
CA SER A 951 41.18 15.01 3.55
C SER A 951 40.25 13.87 3.90
N LEU A 952 40.08 12.94 2.96
CA LEU A 952 39.34 11.72 3.25
C LEU A 952 40.18 10.79 4.12
N LEU A 953 39.57 10.32 5.22
CA LEU A 953 40.25 9.48 6.19
C LEU A 953 39.46 8.20 6.36
N HIS A 954 40.09 7.06 6.07
CA HIS A 954 39.43 5.76 6.13
C HIS A 954 39.78 5.06 7.44
N PHE A 955 38.77 4.53 8.11
CA PHE A 955 38.94 3.84 9.38
C PHE A 955 38.30 2.46 9.28
N ASP A 956 38.90 1.48 9.94
CA ASP A 956 38.33 0.15 9.96
C ASP A 956 37.38 -0.01 11.13
N TYR A 957 36.85 -1.22 11.29
CA TYR A 957 35.92 -1.53 12.38
C TYR A 957 36.65 -1.48 13.71
N GLY A 958 36.07 -0.74 14.65
CA GLY A 958 36.55 -0.74 16.01
C GLY A 958 37.58 0.32 16.36
N GLU A 959 38.12 1.04 15.37
CA GLU A 959 39.00 2.15 15.70
C GLU A 959 38.19 3.30 16.27
N VAL A 960 38.87 4.13 17.07
CA VAL A 960 38.26 5.28 17.70
C VAL A 960 38.64 6.50 16.86
N ILE A 961 37.63 7.32 16.52
CA ILE A 961 37.89 8.56 15.78
C ILE A 961 38.06 9.71 16.76
N VAL A 962 37.17 9.79 17.75
CA VAL A 962 37.02 10.93 18.64
C VAL A 962 37.28 10.48 20.07
N ARG A 963 38.20 11.16 20.75
CA ARG A 963 38.57 10.85 22.12
C ARG A 963 38.06 11.99 23.00
N GLU A 964 37.45 11.62 24.14
CA GLU A 964 36.88 12.61 25.04
C GLU A 964 37.96 13.48 25.67
N GLY A 965 39.05 12.87 26.11
CA GLY A 965 40.08 13.63 26.80
C GLY A 965 40.92 14.50 25.89
N ASP A 966 40.97 14.14 24.61
CA ASP A 966 41.89 14.80 23.68
C ASP A 966 41.32 16.16 23.30
N GLU A 967 42.22 17.15 23.17
CA GLU A 967 41.81 18.49 22.79
C GLU A 967 41.38 18.52 21.32
N SER A 968 40.56 19.52 20.98
CA SER A 968 39.88 19.51 19.70
C SER A 968 40.79 20.05 18.60
N ASP A 969 41.09 19.20 17.62
CA ASP A 969 42.01 19.53 16.54
C ASP A 969 41.37 19.47 15.16
N GLY A 970 40.09 19.13 15.05
CA GLY A 970 39.51 18.95 13.73
C GLY A 970 38.01 18.82 13.73
N LEU A 971 37.47 18.80 12.51
CA LEU A 971 36.07 18.55 12.21
C LEU A 971 35.95 17.27 11.41
N PHE A 972 34.83 16.56 11.56
CA PHE A 972 34.60 15.33 10.82
C PHE A 972 33.26 15.37 10.10
N LEU A 973 33.24 14.81 8.90
CA LEU A 973 32.04 14.71 8.06
C LEU A 973 31.90 13.30 7.54
N ILE A 974 30.90 12.56 8.04
CA ILE A 974 30.71 11.17 7.66
C ILE A 974 30.11 11.14 6.26
N VAL A 975 30.90 10.66 5.29
CA VAL A 975 30.40 10.59 3.92
C VAL A 975 29.90 9.19 3.59
N SER A 976 30.33 8.18 4.34
CA SER A 976 29.77 6.83 4.27
C SER A 976 30.12 6.10 5.55
N GLY A 977 29.27 5.13 5.91
CA GLY A 977 29.46 4.38 7.13
C GLY A 977 28.63 4.92 8.29
N LEU A 978 28.60 4.13 9.34
CA LEU A 978 27.78 4.42 10.51
C LEU A 978 28.65 4.31 11.76
N VAL A 979 28.54 5.30 12.65
CA VAL A 979 29.43 5.44 13.79
C VAL A 979 28.63 5.33 15.07
N LYS A 980 29.29 4.86 16.14
CA LYS A 980 28.68 4.78 17.46
C LYS A 980 29.16 5.96 18.31
N LEU A 981 28.35 6.34 19.30
CA LEU A 981 28.73 7.38 20.24
C LEU A 981 28.57 6.86 21.66
N TYR A 982 29.62 7.05 22.47
CA TYR A 982 29.59 6.79 23.90
C TYR A 982 30.01 8.08 24.60
N GLY A 983 29.10 8.68 25.35
CA GLY A 983 29.38 9.96 25.97
C GLY A 983 28.68 10.10 27.31
N LYS A 984 29.24 11.01 28.12
CA LYS A 984 28.67 11.32 29.42
C LYS A 984 28.09 12.73 29.37
N VAL A 1004 24.31 9.25 30.82
CA VAL A 1004 24.97 8.56 29.72
C VAL A 1004 24.03 8.52 28.52
N PHE A 1005 24.44 9.16 27.43
CA PHE A 1005 23.64 9.25 26.21
C PHE A 1005 24.34 8.46 25.12
N GLU A 1006 23.60 7.61 24.43
CA GLU A 1006 24.13 6.78 23.36
C GLU A 1006 23.32 7.07 22.10
N ASP A 1007 24.02 7.37 21.01
CA ASP A 1007 23.38 7.65 19.73
C ASP A 1007 24.25 7.12 18.62
N TYR A 1008 23.64 6.88 17.47
CA TYR A 1008 24.36 6.44 16.29
C TYR A 1008 24.18 7.51 15.22
N LEU A 1009 25.29 8.01 14.70
CA LEU A 1009 25.28 9.15 13.78
C LEU A 1009 25.46 8.64 12.36
N THR A 1010 24.61 9.13 11.46
CA THR A 1010 24.48 8.58 10.13
C THR A 1010 25.33 9.35 9.12
N VAL A 1011 25.18 8.95 7.85
CA VAL A 1011 25.92 9.56 6.76
C VAL A 1011 25.42 10.99 6.53
N GLY A 1012 26.36 11.92 6.41
CA GLY A 1012 26.04 13.31 6.15
C GLY A 1012 25.93 14.18 7.38
N ASN A 1013 26.17 13.64 8.57
CA ASN A 1013 26.23 14.43 9.78
C ASN A 1013 27.64 15.00 9.94
N VAL A 1014 27.82 15.85 10.94
CA VAL A 1014 29.09 16.48 11.22
C VAL A 1014 29.43 16.19 12.69
N ILE A 1015 30.69 15.82 12.94
CA ILE A 1015 31.16 15.50 14.28
C ILE A 1015 32.21 16.52 14.68
N GLY A 1016 31.91 17.33 15.70
CA GLY A 1016 32.93 18.16 16.32
C GLY A 1016 32.67 19.66 16.37
N GLU A 1017 31.41 20.13 16.27
CA GLU A 1017 31.14 21.56 16.10
C GLU A 1017 31.58 22.38 17.31
N MET A 1018 31.09 22.02 18.49
CA MET A 1018 31.42 22.81 19.67
C MET A 1018 32.87 22.61 20.07
N GLY A 1019 33.46 21.49 19.66
CA GLY A 1019 34.89 21.31 19.84
C GLY A 1019 35.70 22.33 19.06
N VAL A 1020 35.32 22.56 17.80
CA VAL A 1020 36.11 23.52 17.03
C VAL A 1020 35.71 24.95 17.37
N LEU A 1021 34.54 25.14 18.00
CA LEU A 1021 34.11 26.49 18.30
C LEU A 1021 34.51 26.97 19.69
N THR A 1022 34.04 26.34 20.76
CA THR A 1022 34.32 26.89 22.08
C THR A 1022 35.55 26.29 22.75
N LYS A 1023 36.37 25.54 21.99
CA LYS A 1023 37.77 25.25 22.33
C LYS A 1023 37.91 24.43 23.60
N LYS A 1024 37.07 23.41 23.74
CA LYS A 1024 37.05 22.55 24.92
C LYS A 1024 37.31 21.13 24.48
N PRO A 1025 37.84 20.28 25.37
CA PRO A 1025 38.01 18.86 25.03
C PRO A 1025 36.68 18.18 24.78
N ARG A 1026 36.71 17.17 23.91
CA ARG A 1026 35.50 16.65 23.29
C ARG A 1026 34.61 15.93 24.30
N ASN A 1027 33.30 16.00 24.06
CA ASN A 1027 32.35 15.58 25.08
C ASN A 1027 32.06 14.08 24.99
N ALA A 1028 32.40 13.46 23.87
CA ALA A 1028 31.99 12.08 23.63
C ALA A 1028 33.11 11.30 22.96
N THR A 1029 32.88 9.99 22.84
CA THR A 1029 33.80 9.08 22.17
C THR A 1029 33.08 8.40 21.01
N VAL A 1030 33.69 8.48 19.83
CA VAL A 1030 33.10 7.98 18.59
C VAL A 1030 33.94 6.84 18.05
N THR A 1031 33.30 5.70 17.77
CA THR A 1031 33.95 4.53 17.23
C THR A 1031 33.18 4.05 16.00
N CYS A 1032 33.77 3.11 15.28
CA CYS A 1032 33.28 2.68 13.99
C CYS A 1032 32.49 1.38 14.11
N GLU A 1033 31.20 1.42 13.75
CA GLU A 1033 30.42 0.19 13.70
C GLU A 1033 30.59 -0.51 12.36
N THR A 1034 31.01 0.23 11.35
CA THR A 1034 31.46 -0.34 10.09
C THR A 1034 32.61 0.54 9.61
N THR A 1035 33.19 0.19 8.47
CA THR A 1035 34.27 1.02 7.94
C THR A 1035 33.71 2.36 7.48
N VAL A 1036 34.46 3.42 7.77
CA VAL A 1036 33.96 4.78 7.68
C VAL A 1036 34.98 5.63 6.95
N GLN A 1037 34.49 6.59 6.16
CA GLN A 1037 35.33 7.60 5.55
C GLN A 1037 34.80 8.97 5.97
N VAL A 1038 35.69 9.80 6.52
CA VAL A 1038 35.32 11.09 7.06
C VAL A 1038 36.23 12.16 6.48
N TYR A 1039 35.67 13.36 6.33
CA TYR A 1039 36.45 14.52 5.91
C TYR A 1039 37.01 15.22 7.14
N PHE A 1040 38.33 15.35 7.19
CA PHE A 1040 39.01 15.93 8.34
C PHE A 1040 39.51 17.32 7.98
N ILE A 1041 38.84 18.34 8.52
CA ILE A 1041 39.27 19.72 8.38
C ILE A 1041 40.00 20.07 9.67
N THR A 1042 41.31 20.32 9.58
CA THR A 1042 42.11 20.58 10.76
C THR A 1042 41.73 21.94 11.32
N ALA A 1043 41.86 22.08 12.65
CA ALA A 1043 41.25 23.20 13.39
C ALA A 1043 41.85 24.55 12.97
N GLU A 1044 43.12 24.57 12.57
CA GLU A 1044 43.72 25.81 12.11
C GLU A 1044 43.12 26.24 10.77
N ASP A 1045 42.81 25.28 9.90
CA ASP A 1045 42.09 25.59 8.66
C ASP A 1045 40.65 26.02 8.93
N MET A 1046 40.00 25.42 9.93
CA MET A 1046 38.68 25.93 10.35
C MET A 1046 38.77 27.35 10.87
N ASN A 1047 39.86 27.71 11.56
CA ASN A 1047 39.99 29.07 12.07
C ASN A 1047 40.29 30.06 10.95
N ILE A 1048 41.11 29.69 9.97
CA ILE A 1048 41.36 30.62 8.88
C ILE A 1048 40.14 30.73 7.98
N ALA A 1049 39.36 29.65 7.88
CA ALA A 1049 38.06 29.72 7.18
C ALA A 1049 37.07 30.56 7.97
N ILE A 1050 37.17 30.53 9.30
CA ILE A 1050 36.18 31.23 10.11
C ILE A 1050 36.53 32.71 10.15
N ASP A 1051 37.79 33.03 9.84
CA ASP A 1051 38.24 34.42 9.81
C ASP A 1051 38.00 35.04 8.43
N THR A 1052 38.25 34.29 7.36
CA THR A 1052 38.28 34.87 6.02
C THR A 1052 36.91 35.19 5.44
N PHE A 1053 35.81 34.96 6.17
CA PHE A 1053 34.47 35.14 5.62
C PHE A 1053 33.67 36.06 6.51
N THR A 1054 33.04 37.07 5.91
CA THR A 1054 32.31 38.11 6.62
C THR A 1054 30.94 38.39 6.01
N LEU A 1055 30.36 37.43 5.28
CA LEU A 1055 29.05 37.61 4.69
C LEU A 1055 27.96 37.61 5.77
N TYR A 1056 26.75 37.98 5.36
CA TYR A 1056 25.64 37.95 6.30
C TYR A 1056 25.29 36.54 6.78
N PRO A 1057 25.22 35.49 5.92
CA PRO A 1057 25.44 34.14 6.48
C PRO A 1057 26.92 33.82 6.56
N SER A 1058 27.48 33.79 7.76
CA SER A 1058 28.87 33.41 7.94
C SER A 1058 28.96 32.00 8.48
N LEU A 1059 30.10 31.34 8.22
CA LEU A 1059 30.35 29.99 8.74
C LEU A 1059 30.26 29.89 10.25
N GLU A 1060 30.62 30.96 10.95
CA GLU A 1060 30.47 30.95 12.40
C GLU A 1060 28.99 30.95 12.77
N TYR A 1061 28.21 31.79 12.07
CA TYR A 1061 26.77 31.81 12.24
C TYR A 1061 26.12 30.51 11.77
N ARG A 1062 26.61 29.93 10.66
CA ARG A 1062 25.98 28.72 10.13
C ARG A 1062 26.27 27.48 10.99
N LEU A 1063 27.53 27.30 11.41
CA LEU A 1063 27.85 26.17 12.28
C LEU A 1063 27.17 26.30 13.64
N TRP A 1064 27.14 27.52 14.19
CA TRP A 1064 26.45 27.73 15.45
C TRP A 1064 24.94 27.56 15.30
N ARG A 1065 24.40 27.85 14.11
CA ARG A 1065 22.98 27.63 13.87
C ARG A 1065 22.66 26.14 13.81
N VAL A 1066 23.52 25.35 13.18
CA VAL A 1066 23.31 23.91 13.09
C VAL A 1066 23.34 23.28 14.48
N VAL A 1067 24.35 23.66 15.28
CA VAL A 1067 24.41 23.12 16.63
C VAL A 1067 23.29 23.69 17.51
N ALA A 1068 22.83 24.92 17.22
CA ALA A 1068 21.77 25.51 18.00
C ALA A 1068 20.46 24.78 17.78
N ILE A 1069 20.22 24.38 16.53
CA ILE A 1069 19.08 23.53 16.19
C ILE A 1069 19.17 22.22 16.94
N ARG A 1070 20.37 21.61 16.95
CA ARG A 1070 20.52 20.27 17.54
C ARG A 1070 20.26 20.28 19.05
N ILE A 1071 20.85 21.23 19.79
CA ILE A 1071 20.56 21.28 21.23
C ILE A 1071 19.15 21.75 21.52
N ALA A 1072 18.62 22.69 20.72
CA ALA A 1072 17.35 23.30 21.10
C ALA A 1072 16.16 22.40 20.77
N THR A 1073 16.31 21.46 19.84
CA THR A 1073 15.16 20.63 19.45
C THR A 1073 14.60 19.71 20.55
N PRO A 1074 15.39 18.89 21.28
CA PRO A 1074 14.73 18.06 22.31
C PRO A 1074 14.28 18.85 23.52
N LEU A 1075 14.94 19.98 23.77
CA LEU A 1075 14.57 20.83 24.89
C LEU A 1075 13.24 21.54 24.63
N ILE A 1076 13.00 21.93 23.39
CA ILE A 1076 11.69 22.48 23.03
C ILE A 1076 10.65 21.36 22.99
N MET A 1077 11.06 20.16 22.57
CA MET A 1077 10.15 19.01 22.57
C MET A 1077 9.76 18.59 23.99
N GLU A 1078 10.57 18.94 24.99
CA GLU A 1078 10.20 18.70 26.39
C GLU A 1078 8.94 19.49 26.78
N GLN A 1079 8.90 20.77 26.44
CA GLN A 1079 7.80 21.61 26.91
C GLN A 1079 6.54 21.39 26.09
N MET A 1080 6.70 21.07 24.82
CA MET A 1080 5.59 21.02 23.88
C MET A 1080 5.06 19.57 23.74
N ALA A 1081 5.64 18.65 24.51
CA ALA A 1081 5.16 17.26 24.53
C ALA A 1081 3.73 17.17 25.06
N PHE A 1082 3.38 18.05 26.00
CA PHE A 1082 1.99 18.17 26.42
C PHE A 1082 1.12 18.70 25.29
N GLN A 1083 1.64 19.66 24.52
CA GLN A 1083 0.89 20.23 23.39
C GLN A 1083 0.75 19.20 22.26
N GLY A 1084 1.78 18.37 22.07
CA GLY A 1084 1.67 17.27 21.13
C GLY A 1084 2.16 17.52 19.74
N TRP A 1085 2.96 18.56 19.51
CA TRP A 1085 3.61 18.72 18.23
C TRP A 1085 4.66 17.64 18.04
N THR A 1086 4.81 17.15 16.81
CA THR A 1086 5.80 16.13 16.54
C THR A 1086 7.21 16.74 16.46
N GLN A 1087 8.19 15.87 16.24
CA GLN A 1087 9.57 16.33 16.14
C GLN A 1087 9.80 17.12 14.86
N GLU A 1088 9.09 16.77 13.79
CA GLU A 1088 9.20 17.49 12.53
C GLU A 1088 8.66 18.91 12.65
N LYS A 1089 7.55 19.09 13.37
CA LYS A 1089 7.00 20.42 13.58
C LYS A 1089 7.92 21.27 14.47
N VAL A 1090 8.55 20.64 15.46
CA VAL A 1090 9.51 21.35 16.30
C VAL A 1090 10.72 21.79 15.49
N LYS A 1091 11.21 20.91 14.61
CA LYS A 1091 12.34 21.24 13.76
C LYS A 1091 11.99 22.33 12.76
N LEU A 1092 10.76 22.31 12.22
CA LEU A 1092 10.34 23.35 11.28
C LEU A 1092 10.13 24.68 11.97
N HIS A 1093 9.56 24.66 13.18
CA HIS A 1093 9.37 25.90 13.94
C HIS A 1093 10.71 26.51 14.31
N LEU A 1094 11.68 25.66 14.69
CA LEU A 1094 12.98 26.16 15.09
C LEU A 1094 13.82 26.56 13.88
N GLU A 1095 13.50 26.03 12.70
CA GLU A 1095 14.24 26.37 11.49
C GLU A 1095 13.95 27.81 11.06
N ARG A 1096 12.85 28.37 11.52
CA ARG A 1096 12.48 29.74 11.18
C ARG A 1096 13.37 30.78 11.86
N GLY A 1097 14.01 30.43 12.97
CA GLY A 1097 14.70 31.43 13.75
C GLY A 1097 16.14 31.64 13.32
N TYR A 1098 16.74 32.69 13.87
CA TYR A 1098 18.10 33.08 13.55
C TYR A 1098 18.83 33.46 14.83
N LEU A 1099 20.13 33.19 14.86
CA LEU A 1099 20.97 33.69 15.93
C LEU A 1099 21.04 35.21 15.87
N VAL A 1100 20.93 35.85 17.03
CA VAL A 1100 20.92 37.32 17.11
C VAL A 1100 22.23 37.76 17.77
N ASP A 1101 22.88 38.75 17.16
CA ASP A 1101 24.17 39.24 17.61
C ASP A 1101 23.98 40.21 18.76
N LEU A 1102 24.73 40.00 19.85
CA LEU A 1102 24.69 40.94 20.97
C LEU A 1102 25.58 42.15 20.74
N ALA A 1103 26.48 42.11 19.76
CA ALA A 1103 27.31 43.28 19.47
C ALA A 1103 26.47 44.39 18.87
N GLU A 1104 25.52 44.05 18.01
CA GLU A 1104 24.53 45.04 17.58
C GLU A 1104 23.59 45.41 18.72
N SER A 1105 23.33 44.46 19.62
CA SER A 1105 22.38 44.70 20.70
C SER A 1105 23.05 45.31 21.92
N HIS A 1106 24.35 45.63 21.82
CA HIS A 1106 25.21 46.19 22.87
C HIS A 1106 25.25 45.33 24.14
N PHE A 1107 25.03 44.01 23.97
CA PHE A 1107 25.09 42.91 24.97
C PHE A 1107 23.93 42.98 25.95
N GLN A 1108 22.86 43.71 25.62
CA GLN A 1108 21.64 43.71 26.40
C GLN A 1108 20.50 43.25 25.51
N PHE A 1109 19.81 42.18 25.90
CA PHE A 1109 18.71 41.64 25.11
C PHE A 1109 17.40 41.88 25.83
N ASN A 1110 16.36 42.21 25.07
CA ASN A 1110 15.00 42.32 25.61
C ASN A 1110 14.12 41.21 25.05
N ILE A 1111 13.35 40.58 25.94
CA ILE A 1111 12.37 39.61 25.48
C ILE A 1111 11.07 40.34 25.15
N ASP A 1112 10.50 39.97 24.01
CA ASP A 1112 9.27 40.58 23.53
C ASP A 1112 8.15 39.56 23.62
N ALA A 1113 6.90 40.05 23.58
CA ALA A 1113 5.75 39.17 23.53
C ALA A 1113 5.68 38.45 22.20
N THR A 1114 6.29 39.03 21.16
CA THR A 1114 6.25 38.43 19.84
C THR A 1114 7.11 37.17 19.76
N LEU A 1115 8.14 37.08 20.61
CA LEU A 1115 9.06 35.94 20.55
C LEU A 1115 8.39 34.70 21.12
N GLU A 1116 8.36 33.64 20.32
CA GLU A 1116 7.70 32.41 20.74
C GLU A 1116 8.54 31.66 21.77
N ASP A 1117 9.85 31.57 21.55
CA ASP A 1117 10.72 30.90 22.50
C ASP A 1117 12.08 31.59 22.50
N VAL A 1118 12.81 31.47 23.61
CA VAL A 1118 14.17 31.97 23.73
C VAL A 1118 15.03 30.88 24.34
N ILE A 1119 15.97 30.33 23.57
CA ILE A 1119 16.89 29.30 24.06
C ILE A 1119 18.31 29.81 23.96
N LEU A 1120 19.00 29.88 25.10
CA LEU A 1120 20.43 30.15 25.11
C LEU A 1120 21.14 28.83 24.82
N ILE A 1121 22.06 28.87 23.86
CA ILE A 1121 22.70 27.63 23.41
C ILE A 1121 24.00 27.42 24.16
N ASN A 1122 24.76 28.48 24.40
CA ASN A 1122 26.06 28.38 25.04
C ASN A 1122 26.30 29.60 25.91
N GLY A 1123 26.91 29.37 27.07
CA GLY A 1123 27.37 30.45 27.90
C GLY A 1123 26.46 30.78 29.07
N THR A 1124 26.90 31.77 29.84
CA THR A 1124 26.22 32.22 31.05
C THR A 1124 25.55 33.56 30.79
N ALA A 1125 24.29 33.68 31.22
CA ALA A 1125 23.51 34.88 31.06
C ALA A 1125 22.98 35.36 32.41
N TYR A 1126 22.78 36.66 32.51
CA TYR A 1126 22.16 37.24 33.70
C TYR A 1126 20.68 37.53 33.41
N ASN A 1127 19.82 37.25 34.39
CA ASN A 1127 18.39 37.32 34.14
C ASN A 1127 17.68 38.08 35.26
N ALA A 1128 16.61 38.77 34.86
CA ALA A 1128 15.57 39.32 35.73
C ALA A 1128 16.11 40.33 36.74
N HIS A 1129 16.94 41.25 36.23
CA HIS A 1129 17.61 42.30 37.01
C HIS A 1129 18.43 41.62 38.11
N THR A 1130 19.43 40.84 37.69
CA THR A 1130 20.38 40.04 38.51
C THR A 1130 19.70 39.25 39.64
N ARG A 1131 18.49 38.73 39.38
CA ARG A 1131 17.79 37.94 40.38
C ARG A 1131 18.51 36.63 40.63
N GLU A 1132 18.95 35.96 39.56
CA GLU A 1132 19.78 34.78 39.63
C GLU A 1132 20.53 34.72 38.31
N GLU A 1133 21.78 34.27 38.36
CA GLU A 1133 22.62 34.20 37.17
C GLU A 1133 22.53 32.78 36.63
N ILE A 1134 21.81 32.63 35.53
CA ILE A 1134 21.56 31.31 34.95
C ILE A 1134 22.80 30.91 34.14
N ARG A 1135 23.47 29.85 34.59
CA ARG A 1135 24.64 29.36 33.87
C ARG A 1135 24.25 28.31 32.83
N SER A 1136 23.22 27.51 33.13
CA SER A 1136 22.88 26.39 32.28
C SER A 1136 22.21 26.88 31.00
N PRO A 1137 22.66 26.43 29.84
CA PRO A 1137 21.92 26.72 28.60
C PRO A 1137 20.61 25.95 28.57
N CYS A 1138 19.51 26.69 28.47
CA CYS A 1138 18.17 26.13 28.38
C CYS A 1138 17.24 27.19 27.84
N LEU A 1139 15.95 26.86 27.80
CA LEU A 1139 14.95 27.80 27.35
C LEU A 1139 14.80 28.90 28.38
N ILE A 1140 14.90 30.15 27.93
CA ILE A 1140 14.69 31.27 28.84
C ILE A 1140 13.20 31.38 29.13
N SER A 1141 12.88 31.41 30.42
CA SER A 1141 11.49 31.42 30.86
C SER A 1141 10.79 32.70 30.42
N ARG A 1142 9.50 32.58 30.15
CA ARG A 1142 8.68 33.74 29.80
C ARG A 1142 8.53 34.69 30.99
N THR A 1143 8.74 34.17 32.21
CA THR A 1143 8.73 35.02 33.39
C THR A 1143 9.91 36.00 33.38
N VAL A 1144 11.01 35.64 32.72
CA VAL A 1144 12.13 36.56 32.58
C VAL A 1144 11.75 37.66 31.59
N HIS A 1145 11.88 38.91 32.02
CA HIS A 1145 11.45 40.03 31.19
C HIS A 1145 12.53 40.44 30.19
N LYS A 1146 13.78 40.55 30.65
CA LYS A 1146 14.92 40.83 29.79
C LYS A 1146 16.13 40.06 30.32
N LEU A 1147 17.14 39.91 29.47
CA LEU A 1147 18.41 39.31 29.83
C LEU A 1147 19.55 40.26 29.49
N THR A 1148 20.42 40.52 30.46
CA THR A 1148 21.63 41.29 30.23
C THR A 1148 22.82 40.34 30.14
N PHE A 1149 23.68 40.56 29.16
CA PHE A 1149 24.82 39.69 28.89
C PHE A 1149 26.14 40.41 29.18
N GLN A 1150 27.10 39.64 29.68
CA GLN A 1150 28.42 40.11 30.02
C GLN A 1150 29.43 39.51 29.05
N TYR A 1151 30.46 40.28 28.69
CA TYR A 1151 31.53 39.76 27.88
C TYR A 1151 32.43 38.92 28.79
N THR A 1152 32.70 37.69 28.36
CA THR A 1152 33.76 36.87 28.91
C THR A 1152 34.50 36.23 27.74
N ALA A 1153 35.82 36.28 27.78
CA ALA A 1153 36.65 35.74 26.71
C ALA A 1153 36.46 34.24 26.57
N THR A 1154 36.25 33.79 25.32
CA THR A 1154 35.96 32.42 24.89
C THR A 1154 34.66 31.86 25.48
N GLU A 1155 33.81 32.72 26.05
CA GLU A 1155 32.49 32.26 26.46
C GLU A 1155 31.53 32.24 25.27
N GLU A 1156 31.49 33.35 24.52
CA GLU A 1156 30.71 33.49 23.29
C GLU A 1156 29.22 33.15 23.47
N PRO A 1157 28.45 34.02 24.13
CA PRO A 1157 27.09 33.64 24.52
C PRO A 1157 26.14 33.67 23.34
N ARG A 1158 25.52 32.53 23.05
CA ARG A 1158 24.66 32.39 21.88
C ARG A 1158 23.24 32.05 22.33
N LEU A 1159 22.28 32.84 21.88
CA LEU A 1159 20.87 32.55 22.11
C LEU A 1159 20.12 32.51 20.78
N PHE A 1160 19.20 31.56 20.67
CA PHE A 1160 18.49 31.28 19.43
C PHE A 1160 16.99 31.36 19.68
N VAL A 1161 16.35 32.40 19.14
CA VAL A 1161 14.91 32.59 19.24
C VAL A 1161 14.24 32.34 17.89
N VAL A 1162 12.92 32.21 17.92
CA VAL A 1162 12.09 32.31 16.73
C VAL A 1162 11.10 33.44 17.00
N ARG A 1163 10.72 34.15 15.94
CA ARG A 1163 9.59 35.06 16.05
C ARG A 1163 8.33 34.40 15.51
N ASN A 1164 7.20 35.05 15.76
CA ASN A 1164 5.94 34.58 15.21
C ASN A 1164 5.80 35.04 13.76
N ALA A 1165 5.08 34.23 12.97
CA ALA A 1165 4.93 34.51 11.55
C ALA A 1165 3.94 35.64 11.32
N GLU A 1166 4.24 36.47 10.33
CA GLU A 1166 3.41 37.63 10.00
C GLU A 1166 2.90 37.48 8.58
N TYR A 1167 1.59 37.65 8.41
CA TYR A 1167 0.95 37.51 7.10
C TYR A 1167 1.09 38.80 6.32
P CMP B . 32.29 17.19 20.09
O1P CMP B . 31.91 17.49 21.46
O2P CMP B . 33.51 18.08 19.46
O5' CMP B . 32.70 15.65 20.17
C5' CMP B . 31.71 14.62 20.18
C4' CMP B . 30.60 15.01 19.24
O4' CMP B . 29.43 14.20 19.39
C3' CMP B . 30.07 16.40 19.44
O3' CMP B . 31.02 17.39 19.10
C2' CMP B . 28.82 16.36 18.59
O2' CMP B . 29.14 16.41 17.21
C1' CMP B . 28.32 14.93 18.91
N9 CMP B . 27.27 14.95 19.94
C8 CMP B . 27.44 15.32 21.19
N7 CMP B . 26.29 15.23 21.84
C5 CMP B . 25.33 14.80 20.98
C6 CMP B . 23.95 14.51 21.07
N6 CMP B . 23.25 14.69 22.34
N1 CMP B . 23.30 14.09 20.00
C2 CMP B . 23.92 13.94 18.84
N3 CMP B . 25.21 14.19 18.72
C4 CMP B . 25.95 14.63 19.78
#